data_4LAM
#
_entry.id   4LAM
#
_cell.length_a   77.361
_cell.length_b   77.361
_cell.length_c   134.421
_cell.angle_alpha   90.000
_cell.angle_beta   90.000
_cell.angle_gamma   90.000
#
_symmetry.space_group_name_H-M   'P 41'
#
loop_
_entity.id
_entity.type
_entity.pdbx_description
1 polymer 'Uracil-5-carboxylate decarboxylase'
2 non-polymer 'ZINC ION'
3 non-polymer '2,4-dioxo-1,2,3,4-tetrahydropyrimidine-5-carboxylic acid'
4 non-polymer 'HEXAETHYLENE GLYCOL'
5 water water
#
_entity_poly.entity_id   1
_entity_poly.type   'polypeptide(L)'
_entity_poly.pdbx_seq_one_letter_code
;MAASTPVVVDIHTHMYPPSYIAMLEKRQTIPLVRTFPQADEPRLILLSSELAALDAALADPAAKLPGRPLSTHFASLAQK
MHFMDTNGIRVSVISLANPWFDFLAPDEAPGIADAVNAEFSDMCAQHVGRLFFFAALPLSAPVDAVKASIERVKNLKYCR
GIILGTSGLGKGLDDPHLLPVFEAVADAKLLVFLHPHYGLPNEVYGPRSEEYGHVLPLALGFPMETTIAVARMYMAGVFD
HVRNLQMLLAHSGGTLPFLAGRIESCIVHDGHLVKTGKVPKDRRTIWTVLKEQIYLDAVIYSEVGLQAAIASSGADRLMF
GTNHPFFPPIEEDVQGPWDSSRLNAQAVIKAVGEGSSDAAAVMGLNAVRVLSLKAE
;
_entity_poly.pdbx_strand_id   A,B
#
# COMPACT_ATOMS: atom_id res chain seq x y z
N THR A 5 -35.48 8.78 5.39
CA THR A 5 -35.73 7.67 6.35
C THR A 5 -34.56 7.12 7.21
N PRO A 6 -33.31 7.65 7.09
CA PRO A 6 -32.70 8.70 6.27
C PRO A 6 -32.23 8.16 4.91
N VAL A 7 -31.74 9.07 4.08
CA VAL A 7 -31.38 8.74 2.70
C VAL A 7 -30.08 7.94 2.62
N VAL A 8 -30.08 6.89 1.80
CA VAL A 8 -28.85 6.15 1.50
C VAL A 8 -28.36 6.61 0.13
N VAL A 9 -27.10 7.04 0.08
CA VAL A 9 -26.49 7.48 -1.16
C VAL A 9 -25.31 6.59 -1.45
N ASP A 10 -25.19 6.11 -2.68
CA ASP A 10 -24.06 5.32 -3.14
C ASP A 10 -23.19 6.23 -4.02
N ILE A 11 -21.96 6.54 -3.60
CA ILE A 11 -21.10 7.42 -4.41
C ILE A 11 -20.03 6.69 -5.23
N HIS A 12 -19.98 5.36 -5.13
CA HIS A 12 -19.00 4.58 -5.84
C HIS A 12 -19.76 3.52 -6.61
N THR A 13 -20.22 3.88 -7.79
CA THR A 13 -21.15 3.03 -8.53
C THR A 13 -21.05 3.37 -10.01
N HIS A 14 -20.78 2.36 -10.83
CA HIS A 14 -20.29 2.60 -12.18
C HIS A 14 -21.24 2.16 -13.27
N MET A 15 -21.03 2.69 -14.47
CA MET A 15 -21.68 2.22 -15.68
C MET A 15 -20.76 2.41 -16.87
N TYR A 16 -20.90 1.52 -17.86
CA TYR A 16 -20.37 1.78 -19.19
C TYR A 16 -21.59 1.90 -20.08
N PRO A 17 -21.87 3.11 -20.59
CA PRO A 17 -23.03 3.25 -21.49
C PRO A 17 -22.89 2.34 -22.70
N PRO A 18 -24.03 1.92 -23.27
CA PRO A 18 -24.00 1.06 -24.46
C PRO A 18 -23.07 1.61 -25.56
N SER A 19 -23.01 2.93 -25.74
CA SER A 19 -22.13 3.51 -26.76
C SER A 19 -20.65 3.26 -26.42
N TYR A 20 -20.34 3.23 -25.13
CA TYR A 20 -18.97 2.96 -24.68
C TYR A 20 -18.63 1.47 -24.85
N ILE A 21 -19.55 0.59 -24.46
CA ILE A 21 -19.35 -0.86 -24.71
C ILE A 21 -19.17 -1.14 -26.20
N ALA A 22 -20.01 -0.54 -27.03
CA ALA A 22 -19.95 -0.76 -28.48
C ALA A 22 -18.57 -0.39 -29.02
N MET A 23 -17.96 0.63 -28.42
CA MET A 23 -16.60 1.02 -28.76
C MET A 23 -15.59 -0.04 -28.33
N LEU A 24 -15.70 -0.50 -27.09
CA LEU A 24 -14.82 -1.55 -26.58
C LEU A 24 -14.94 -2.85 -27.39
N GLU A 25 -16.15 -3.15 -27.86
CA GLU A 25 -16.41 -4.37 -28.63
C GLU A 25 -15.61 -4.44 -29.93
N LYS A 26 -15.27 -3.28 -30.47
CA LYS A 26 -14.61 -3.20 -31.78
C LYS A 26 -13.09 -3.13 -31.67
N ARG A 27 -12.57 -3.07 -30.44
CA ARG A 27 -11.13 -2.93 -30.21
C ARG A 27 -10.41 -4.27 -30.17
N GLN A 28 -9.14 -4.26 -30.54
CA GLN A 28 -8.28 -5.44 -30.54
C GLN A 28 -7.15 -5.24 -29.56
N THR A 29 -7.14 -4.09 -28.91
CA THR A 29 -6.16 -3.80 -27.88
C THR A 29 -6.88 -3.27 -26.63
N ILE A 30 -6.40 -3.70 -25.48
CA ILE A 30 -6.96 -3.32 -24.18
C ILE A 30 -7.10 -1.79 -24.07
N PRO A 31 -8.23 -1.30 -23.53
CA PRO A 31 -9.39 -2.06 -23.05
C PRO A 31 -10.26 -2.58 -24.19
N LEU A 32 -10.86 -3.74 -23.98
CA LEU A 32 -11.75 -4.29 -25.00
C LEU A 32 -12.77 -5.25 -24.41
N VAL A 33 -13.77 -5.56 -25.23
CA VAL A 33 -14.77 -6.57 -24.93
C VAL A 33 -14.73 -7.57 -26.08
N ARG A 34 -14.59 -8.85 -25.75
CA ARG A 34 -14.44 -9.89 -26.76
C ARG A 34 -15.27 -11.08 -26.37
N THR A 35 -16.02 -11.64 -27.32
CA THR A 35 -16.80 -12.84 -27.05
C THR A 35 -15.95 -14.08 -27.28
N PHE A 36 -15.92 -14.95 -26.29
CA PHE A 36 -15.37 -16.28 -26.45
C PHE A 36 -16.54 -17.27 -26.40
N PRO A 37 -16.90 -17.84 -27.56
CA PRO A 37 -18.09 -18.72 -27.70
C PRO A 37 -18.23 -19.86 -26.67
N GLN A 38 -17.15 -20.23 -25.98
CA GLN A 38 -17.23 -21.18 -24.86
C GLN A 38 -17.80 -20.55 -23.59
N ALA A 39 -18.13 -19.26 -23.68
CA ALA A 39 -18.87 -18.57 -22.62
C ALA A 39 -19.94 -17.72 -23.27
N ASP A 40 -21.12 -17.68 -22.64
CA ASP A 40 -22.23 -16.90 -23.17
C ASP A 40 -21.94 -15.41 -23.07
N GLU A 41 -21.50 -14.97 -21.89
CA GLU A 41 -21.16 -13.57 -21.66
C GLU A 41 -19.82 -13.22 -22.32
N PRO A 42 -19.76 -12.07 -23.00
CA PRO A 42 -18.50 -11.53 -23.53
C PRO A 42 -17.53 -11.28 -22.40
N ARG A 43 -16.23 -11.26 -22.71
CA ARG A 43 -15.23 -10.97 -21.69
C ARG A 43 -14.85 -9.50 -21.71
N LEU A 44 -14.81 -8.89 -20.53
CA LEU A 44 -14.40 -7.51 -20.34
C LEU A 44 -12.93 -7.51 -19.96
N ILE A 45 -12.09 -6.89 -20.79
CA ILE A 45 -10.65 -6.95 -20.59
C ILE A 45 -10.09 -5.53 -20.53
N LEU A 46 -9.77 -5.08 -19.32
CA LEU A 46 -9.45 -3.67 -19.06
C LEU A 46 -8.01 -3.43 -18.65
N LEU A 47 -7.39 -4.43 -18.06
CA LEU A 47 -6.19 -4.23 -17.26
C LEU A 47 -4.91 -4.72 -17.90
N SER A 48 -3.82 -4.01 -17.63
CA SER A 48 -2.48 -4.41 -18.02
C SER A 48 -2.15 -5.83 -17.52
N SER A 49 -2.57 -6.15 -16.30
CA SER A 49 -2.31 -7.46 -15.72
C SER A 49 -3.04 -8.60 -16.45
N GLU A 50 -4.00 -8.25 -17.31
CA GLU A 50 -4.80 -9.25 -18.03
C GLU A 50 -4.22 -9.61 -19.40
N LEU A 51 -3.22 -8.85 -19.85
CA LEU A 51 -2.68 -9.01 -21.20
C LEU A 51 -2.12 -10.41 -21.46
N ALA A 52 -1.47 -10.99 -20.45
CA ALA A 52 -0.90 -12.34 -20.59
C ALA A 52 -1.99 -13.37 -20.88
N ALA A 53 -3.07 -13.32 -20.12
CA ALA A 53 -4.19 -14.24 -20.29
C ALA A 53 -4.89 -14.03 -21.62
N LEU A 54 -5.02 -12.76 -22.03
CA LEU A 54 -5.59 -12.45 -23.34
C LEU A 54 -4.79 -13.12 -24.45
N ASP A 55 -3.47 -12.96 -24.41
CA ASP A 55 -2.60 -13.53 -25.45
C ASP A 55 -2.64 -15.06 -25.43
N ALA A 56 -2.61 -15.65 -24.24
CA ALA A 56 -2.71 -17.11 -24.11
C ALA A 56 -4.02 -17.63 -24.70
N ALA A 57 -5.12 -16.91 -24.46
CA ALA A 57 -6.43 -17.32 -24.96
C ALA A 57 -6.57 -17.12 -26.46
N LEU A 58 -5.83 -16.14 -27.00
CA LEU A 58 -5.86 -15.83 -28.43
C LEU A 58 -5.02 -16.82 -29.25
N ALA A 59 -4.18 -17.58 -28.57
CA ALA A 59 -3.37 -18.60 -29.22
C ALA A 59 -3.95 -19.97 -28.91
N ASP A 60 -3.91 -20.35 -27.64
CA ASP A 60 -4.37 -21.66 -27.21
C ASP A 60 -5.85 -21.64 -26.80
N PRO A 61 -6.69 -22.37 -27.55
CA PRO A 61 -8.11 -22.54 -27.23
C PRO A 61 -8.36 -23.29 -25.91
N ALA A 62 -7.31 -23.89 -25.35
CA ALA A 62 -7.40 -24.57 -24.05
C ALA A 62 -7.16 -23.65 -22.84
N ALA A 63 -6.71 -22.42 -23.09
CA ALA A 63 -6.43 -21.48 -22.01
C ALA A 63 -7.72 -20.92 -21.39
N LYS A 64 -7.61 -20.45 -20.15
CA LYS A 64 -8.75 -19.90 -19.43
C LYS A 64 -9.25 -18.62 -20.09
N LEU A 65 -10.52 -18.29 -19.85
CA LEU A 65 -11.08 -17.06 -20.38
C LEU A 65 -10.37 -15.89 -19.72
N PRO A 66 -9.93 -14.91 -20.53
CA PRO A 66 -9.25 -13.73 -20.01
C PRO A 66 -10.25 -12.70 -19.51
N GLY A 67 -9.77 -11.73 -18.73
CA GLY A 67 -10.63 -10.67 -18.22
C GLY A 67 -11.70 -11.20 -17.29
N ARG A 68 -12.83 -10.50 -17.20
CA ARG A 68 -13.95 -10.89 -16.36
C ARG A 68 -15.23 -10.91 -17.18
N PRO A 69 -16.27 -11.61 -16.71
CA PRO A 69 -17.49 -11.64 -17.54
C PRO A 69 -18.11 -10.26 -17.64
N LEU A 70 -18.54 -9.88 -18.83
CA LEU A 70 -19.30 -8.65 -18.99
C LEU A 70 -20.78 -8.94 -18.75
N SER A 71 -21.27 -8.63 -17.56
CA SER A 71 -22.70 -8.79 -17.29
C SER A 71 -23.44 -7.62 -17.91
N THR A 72 -24.75 -7.76 -18.04
CA THR A 72 -25.58 -6.69 -18.58
C THR A 72 -25.60 -5.49 -17.64
N HIS A 73 -25.24 -5.69 -16.38
CA HIS A 73 -25.33 -4.63 -15.37
C HIS A 73 -24.42 -3.45 -15.66
N PHE A 74 -23.34 -3.69 -16.40
CA PHE A 74 -22.41 -2.61 -16.69
C PHE A 74 -23.07 -1.51 -17.51
N ALA A 75 -23.94 -1.90 -18.44
CA ALA A 75 -24.53 -0.95 -19.38
C ALA A 75 -26.02 -0.65 -19.18
N SER A 76 -26.66 -1.31 -18.22
CA SER A 76 -28.12 -1.17 -18.05
C SER A 76 -28.48 -0.18 -16.95
N LEU A 77 -29.04 0.95 -17.35
CA LEU A 77 -29.56 1.94 -16.42
C LEU A 77 -30.71 1.35 -15.62
N ALA A 78 -31.55 0.56 -16.29
CA ALA A 78 -32.69 -0.08 -15.64
C ALA A 78 -32.25 -1.06 -14.53
N GLN A 79 -31.17 -1.81 -14.77
CA GLN A 79 -30.66 -2.69 -13.73
C GLN A 79 -29.98 -1.92 -12.60
N LYS A 80 -29.47 -0.73 -12.90
CA LYS A 80 -28.92 0.14 -11.86
C LYS A 80 -30.05 0.52 -10.90
N MET A 81 -31.17 0.99 -11.46
CA MET A 81 -32.33 1.38 -10.66
C MET A 81 -32.90 0.18 -9.90
N HIS A 82 -32.94 -0.98 -10.56
CA HIS A 82 -33.41 -2.19 -9.88
C HIS A 82 -32.53 -2.51 -8.69
N PHE A 83 -31.21 -2.40 -8.88
CA PHE A 83 -30.26 -2.63 -7.80
C PHE A 83 -30.49 -1.67 -6.64
N MET A 84 -30.72 -0.40 -6.96
CA MET A 84 -30.99 0.61 -5.94
C MET A 84 -32.26 0.30 -5.15
N ASP A 85 -33.37 0.04 -5.85
CA ASP A 85 -34.64 -0.29 -5.19
C ASP A 85 -34.55 -1.56 -4.34
N THR A 86 -33.78 -2.53 -4.82
CA THR A 86 -33.65 -3.80 -4.13
C THR A 86 -32.75 -3.67 -2.89
N ASN A 87 -31.86 -2.67 -2.90
CA ASN A 87 -30.91 -2.50 -1.81
C ASN A 87 -31.12 -1.28 -0.93
N GLY A 88 -32.27 -0.62 -1.08
CA GLY A 88 -32.60 0.52 -0.23
C GLY A 88 -31.72 1.73 -0.45
N ILE A 89 -31.24 1.90 -1.68
CA ILE A 89 -30.43 3.04 -2.06
C ILE A 89 -31.34 4.05 -2.73
N ARG A 90 -31.38 5.24 -2.18
CA ARG A 90 -32.27 6.29 -2.71
C ARG A 90 -31.59 7.06 -3.85
N VAL A 91 -30.28 7.31 -3.71
CA VAL A 91 -29.55 8.11 -4.69
C VAL A 91 -28.24 7.42 -5.04
N SER A 92 -27.90 7.42 -6.33
CA SER A 92 -26.57 6.98 -6.76
C SER A 92 -25.90 8.15 -7.46
N VAL A 93 -24.63 8.38 -7.14
CA VAL A 93 -23.83 9.27 -7.95
C VAL A 93 -22.98 8.39 -8.84
N ILE A 94 -23.47 8.16 -10.06
CA ILE A 94 -22.85 7.20 -10.96
C ILE A 94 -21.64 7.80 -11.65
N SER A 95 -20.74 6.94 -12.10
CA SER A 95 -19.53 7.40 -12.78
C SER A 95 -19.18 6.40 -13.86
N LEU A 96 -18.60 6.88 -14.94
CA LEU A 96 -18.03 5.99 -15.92
C LEU A 96 -16.91 5.22 -15.22
N ALA A 97 -16.74 3.94 -15.56
CA ALA A 97 -15.71 3.15 -14.92
C ALA A 97 -14.38 3.26 -15.66
N ASN A 98 -13.33 2.72 -15.05
CA ASN A 98 -12.00 2.74 -15.64
C ASN A 98 -11.97 2.00 -16.96
N PRO A 99 -11.11 2.44 -17.92
CA PRO A 99 -10.18 3.56 -17.83
C PRO A 99 -10.71 4.84 -18.47
N TRP A 100 -12.02 5.07 -18.36
CA TRP A 100 -12.61 6.35 -18.78
C TRP A 100 -12.23 6.62 -20.24
N PHE A 101 -11.70 7.81 -20.51
CA PHE A 101 -11.32 8.16 -21.88
C PHE A 101 -9.81 8.18 -22.04
N ASP A 102 -9.08 7.66 -21.05
CA ASP A 102 -7.62 7.75 -21.01
C ASP A 102 -6.93 7.20 -22.26
N PHE A 103 -7.51 6.15 -22.84
CA PHE A 103 -6.86 5.38 -23.90
C PHE A 103 -7.09 5.94 -25.31
N LEU A 104 -7.96 6.94 -25.43
CA LEU A 104 -8.36 7.44 -26.74
C LEU A 104 -7.26 8.29 -27.37
N ALA A 105 -7.22 8.31 -28.70
CA ALA A 105 -6.33 9.21 -29.44
C ALA A 105 -6.70 10.67 -29.11
N PRO A 106 -5.68 11.53 -28.97
CA PRO A 106 -5.88 12.94 -28.62
C PRO A 106 -6.93 13.67 -29.46
N ASP A 107 -6.91 13.48 -30.77
CA ASP A 107 -7.83 14.17 -31.68
C ASP A 107 -9.29 13.80 -31.47
N GLU A 108 -9.55 12.56 -31.07
CA GLU A 108 -10.92 12.08 -30.98
C GLU A 108 -11.47 12.16 -29.55
N ALA A 109 -10.58 12.13 -28.56
CA ALA A 109 -10.99 12.07 -27.15
C ALA A 109 -11.99 13.14 -26.70
N PRO A 110 -11.77 14.42 -27.06
CA PRO A 110 -12.73 15.41 -26.53
C PRO A 110 -14.16 15.21 -27.03
N GLY A 111 -14.32 14.88 -28.31
CA GLY A 111 -15.66 14.68 -28.86
C GLY A 111 -16.38 13.52 -28.20
N ILE A 112 -15.62 12.46 -27.92
CA ILE A 112 -16.17 11.27 -27.30
C ILE A 112 -16.47 11.52 -25.83
N ALA A 113 -15.52 12.09 -25.10
CA ALA A 113 -15.75 12.45 -23.70
C ALA A 113 -16.99 13.32 -23.56
N ASP A 114 -17.11 14.32 -24.42
CA ASP A 114 -18.22 15.26 -24.31
C ASP A 114 -19.55 14.60 -24.63
N ALA A 115 -19.58 13.72 -25.63
CA ALA A 115 -20.79 12.97 -25.97
C ALA A 115 -21.20 12.06 -24.82
N VAL A 116 -20.24 11.35 -24.26
CA VAL A 116 -20.54 10.37 -23.22
C VAL A 116 -20.97 11.06 -21.90
N ASN A 117 -20.31 12.15 -21.54
CA ASN A 117 -20.73 12.94 -20.39
C ASN A 117 -22.18 13.41 -20.52
N ALA A 118 -22.57 13.79 -21.74
CA ALA A 118 -23.95 14.22 -21.99
C ALA A 118 -24.93 13.04 -21.88
N GLU A 119 -24.48 11.85 -22.26
CA GLU A 119 -25.31 10.65 -22.08
C GLU A 119 -25.55 10.37 -20.60
N PHE A 120 -24.54 10.62 -19.76
CA PHE A 120 -24.71 10.47 -18.31
C PHE A 120 -25.75 11.45 -17.77
N SER A 121 -25.68 12.69 -18.22
CA SER A 121 -26.64 13.70 -17.81
C SER A 121 -28.04 13.26 -18.20
N ASP A 122 -28.18 12.74 -19.42
CA ASP A 122 -29.47 12.26 -19.91
C ASP A 122 -29.97 11.04 -19.13
N MET A 123 -29.06 10.17 -18.71
CA MET A 123 -29.42 9.04 -17.87
C MET A 123 -30.01 9.52 -16.55
N CYS A 124 -29.37 10.52 -15.95
CA CYS A 124 -29.86 11.06 -14.68
C CYS A 124 -31.22 11.73 -14.83
N ALA A 125 -31.49 12.32 -16.00
CA ALA A 125 -32.78 12.96 -16.27
C ALA A 125 -33.96 11.99 -16.29
N GLN A 126 -33.67 10.71 -16.51
CA GLN A 126 -34.72 9.69 -16.57
C GLN A 126 -35.27 9.37 -15.18
N HIS A 127 -34.48 9.65 -14.15
CA HIS A 127 -34.83 9.27 -12.79
C HIS A 127 -34.51 10.44 -11.87
N VAL A 128 -35.21 11.54 -12.09
CA VAL A 128 -34.91 12.83 -11.45
C VAL A 128 -34.89 12.72 -9.93
N GLY A 129 -33.81 13.21 -9.32
CA GLY A 129 -33.67 13.20 -7.87
C GLY A 129 -33.00 11.95 -7.34
N ARG A 130 -32.91 10.91 -8.17
CA ARG A 130 -32.30 9.66 -7.73
C ARG A 130 -30.92 9.39 -8.36
N LEU A 131 -30.56 10.17 -9.38
CA LEU A 131 -29.29 9.98 -10.05
C LEU A 131 -28.54 11.30 -10.25
N PHE A 132 -27.26 11.31 -9.88
CA PHE A 132 -26.37 12.41 -10.25
C PHE A 132 -25.12 11.73 -10.81
N PHE A 133 -24.14 12.48 -11.30
CA PHE A 133 -22.96 11.81 -11.84
C PHE A 133 -21.63 12.56 -11.72
N PHE A 134 -20.56 11.78 -11.69
CA PHE A 134 -19.21 12.29 -11.90
C PHE A 134 -18.94 12.18 -13.39
N ALA A 135 -18.51 13.26 -14.02
CA ALA A 135 -18.12 13.23 -15.43
C ALA A 135 -16.66 12.80 -15.53
N ALA A 136 -16.21 12.38 -16.71
CA ALA A 136 -14.80 12.07 -16.94
C ALA A 136 -14.21 13.01 -18.01
N LEU A 137 -12.88 13.06 -18.10
CA LEU A 137 -12.21 14.05 -18.95
C LEU A 137 -11.33 13.44 -20.03
N PRO A 138 -11.19 14.13 -21.17
CA PRO A 138 -10.34 13.67 -22.26
C PRO A 138 -8.87 14.01 -21.97
N LEU A 139 -8.32 13.34 -20.97
CA LEU A 139 -6.98 13.68 -20.49
C LEU A 139 -5.84 13.27 -21.42
N SER A 140 -6.14 12.59 -22.52
CA SER A 140 -5.11 12.30 -23.51
C SER A 140 -4.99 13.46 -24.49
N ALA A 141 -5.94 14.39 -24.44
CA ALA A 141 -5.95 15.55 -25.33
C ALA A 141 -5.16 16.71 -24.73
N PRO A 142 -4.84 17.73 -25.54
CA PRO A 142 -4.19 18.95 -25.01
C PRO A 142 -5.02 19.61 -23.92
N VAL A 143 -4.35 20.27 -22.97
CA VAL A 143 -5.03 20.82 -21.78
C VAL A 143 -6.14 21.80 -22.14
N ASP A 144 -5.99 22.53 -23.25
CA ASP A 144 -7.05 23.46 -23.65
C ASP A 144 -8.32 22.73 -24.10
N ALA A 145 -8.18 21.54 -24.68
CA ALA A 145 -9.35 20.72 -24.99
C ALA A 145 -9.97 20.20 -23.70
N VAL A 146 -9.13 19.84 -22.73
CA VAL A 146 -9.62 19.38 -21.43
C VAL A 146 -10.42 20.48 -20.72
N LYS A 147 -9.92 21.71 -20.76
CA LYS A 147 -10.62 22.86 -20.20
C LYS A 147 -11.99 23.06 -20.86
N ALA A 148 -12.04 22.89 -22.18
CA ALA A 148 -13.31 23.02 -22.91
C ALA A 148 -14.31 21.96 -22.43
N SER A 149 -13.81 20.75 -22.16
CA SER A 149 -14.67 19.68 -21.63
C SER A 149 -15.17 20.04 -20.22
N ILE A 150 -14.27 20.57 -19.39
CA ILE A 150 -14.67 21.01 -18.06
C ILE A 150 -15.73 22.10 -18.16
N GLU A 151 -15.55 23.03 -19.09
CA GLU A 151 -16.56 24.06 -19.31
C GLU A 151 -17.92 23.48 -19.69
N ARG A 152 -17.92 22.43 -20.51
CA ARG A 152 -19.16 21.72 -20.83
C ARG A 152 -19.78 20.98 -19.64
N VAL A 153 -18.98 20.25 -18.86
CA VAL A 153 -19.55 19.46 -17.76
C VAL A 153 -20.17 20.36 -16.70
N LYS A 154 -19.57 21.54 -16.50
CA LYS A 154 -20.08 22.54 -15.55
C LYS A 154 -21.52 22.95 -15.86
N ASN A 155 -21.89 22.87 -17.14
CA ASN A 155 -23.23 23.27 -17.58
C ASN A 155 -24.23 22.10 -17.63
N LEU A 156 -23.76 20.88 -17.40
CA LEU A 156 -24.62 19.69 -17.50
C LEU A 156 -25.43 19.47 -16.22
N LYS A 157 -26.75 19.33 -16.38
CA LYS A 157 -27.63 18.97 -15.26
C LYS A 157 -27.19 17.65 -14.64
N TYR A 158 -27.31 17.59 -13.31
CA TYR A 158 -27.04 16.38 -12.51
C TYR A 158 -25.56 16.04 -12.33
N CYS A 159 -24.67 16.80 -12.95
CA CYS A 159 -23.25 16.58 -12.74
C CYS A 159 -22.80 17.18 -11.42
N ARG A 160 -22.12 16.39 -10.59
CA ARG A 160 -21.63 16.87 -9.30
C ARG A 160 -20.14 16.72 -9.10
N GLY A 161 -19.44 16.20 -10.11
CA GLY A 161 -18.03 15.96 -9.93
C GLY A 161 -17.33 15.42 -11.16
N ILE A 162 -16.07 15.08 -10.95
CA ILE A 162 -15.22 14.52 -11.98
C ILE A 162 -14.60 13.25 -11.42
N ILE A 163 -14.62 12.18 -12.21
CA ILE A 163 -13.86 10.99 -11.84
C ILE A 163 -12.63 10.96 -12.75
N LEU A 164 -11.46 10.71 -12.19
CA LEU A 164 -10.27 10.54 -13.02
C LEU A 164 -9.31 9.53 -12.41
N GLY A 165 -8.38 9.06 -13.23
CA GLY A 165 -7.40 8.09 -12.80
C GLY A 165 -6.10 8.75 -12.39
N THR A 166 -5.07 7.95 -12.26
CA THR A 166 -3.79 8.41 -11.72
C THR A 166 -2.78 8.87 -12.78
N SER A 167 -3.13 8.75 -14.05
CA SER A 167 -2.16 9.07 -15.10
C SER A 167 -2.09 10.55 -15.44
N GLY A 168 -3.14 11.30 -15.09
CA GLY A 168 -3.20 12.72 -15.42
C GLY A 168 -3.11 12.95 -16.92
N LEU A 169 -2.26 13.89 -17.33
CA LEU A 169 -1.96 14.12 -18.74
C LEU A 169 -0.88 13.17 -19.26
N GLY A 170 -0.52 12.16 -18.47
CA GLY A 170 0.45 11.17 -18.91
C GLY A 170 1.71 11.14 -18.07
N LYS A 171 1.82 12.05 -17.10
CA LYS A 171 2.95 12.04 -16.19
C LYS A 171 2.52 12.01 -14.73
N GLY A 172 1.30 11.56 -14.48
CA GLY A 172 0.79 11.42 -13.12
C GLY A 172 0.20 12.71 -12.57
N LEU A 173 -0.19 12.67 -11.30
CA LEU A 173 -1.01 13.75 -10.72
C LEU A 173 -0.19 14.86 -10.08
N ASP A 174 1.12 14.66 -9.95
CA ASP A 174 2.03 15.71 -9.48
C ASP A 174 2.64 16.52 -10.64
N ASP A 175 2.11 16.30 -11.84
CA ASP A 175 2.51 17.07 -13.01
C ASP A 175 2.00 18.52 -12.90
N PRO A 176 2.91 19.51 -12.83
CA PRO A 176 2.39 20.89 -12.78
C PRO A 176 1.53 21.31 -13.97
N HIS A 177 1.64 20.61 -15.10
CA HIS A 177 0.78 20.89 -16.26
C HIS A 177 -0.68 20.54 -15.97
N LEU A 178 -0.89 19.67 -14.98
CA LEU A 178 -2.24 19.27 -14.58
C LEU A 178 -2.90 20.24 -13.58
N LEU A 179 -2.10 21.11 -12.96
CA LEU A 179 -2.64 22.06 -11.97
C LEU A 179 -3.85 22.87 -12.46
N PRO A 180 -3.79 23.42 -13.68
CA PRO A 180 -4.96 24.17 -14.19
C PRO A 180 -6.24 23.31 -14.31
N VAL A 181 -6.07 22.00 -14.48
CA VAL A 181 -7.21 21.09 -14.54
C VAL A 181 -7.85 20.93 -13.17
N PHE A 182 -7.04 20.67 -12.15
CA PHE A 182 -7.54 20.58 -10.78
C PHE A 182 -8.19 21.90 -10.39
N GLU A 183 -7.54 23.00 -10.78
CA GLU A 183 -7.97 24.34 -10.43
C GLU A 183 -9.35 24.66 -11.03
N ALA A 184 -9.52 24.34 -12.32
CA ALA A 184 -10.76 24.65 -13.01
C ALA A 184 -11.92 23.80 -12.49
N VAL A 185 -11.64 22.54 -12.14
CA VAL A 185 -12.65 21.68 -11.53
C VAL A 185 -13.03 22.18 -10.13
N ALA A 186 -12.03 22.51 -9.32
CA ALA A 186 -12.25 22.95 -7.94
C ALA A 186 -12.99 24.28 -7.89
N ASP A 187 -12.64 25.18 -8.81
CA ASP A 187 -13.30 26.50 -8.87
C ASP A 187 -14.77 26.35 -9.25
N ALA A 188 -15.10 25.29 -9.95
CA ALA A 188 -16.48 25.03 -10.35
C ALA A 188 -17.23 24.27 -9.25
N LYS A 189 -16.57 24.07 -8.12
CA LYS A 189 -17.11 23.31 -6.98
C LYS A 189 -17.48 21.86 -7.30
N LEU A 190 -16.75 21.27 -8.24
CA LEU A 190 -16.94 19.87 -8.56
C LEU A 190 -16.00 19.03 -7.70
N LEU A 191 -16.55 17.97 -7.09
CA LEU A 191 -15.74 17.04 -6.30
C LEU A 191 -14.91 16.18 -7.25
N VAL A 192 -13.64 15.99 -6.95
CA VAL A 192 -12.81 15.10 -7.75
C VAL A 192 -12.77 13.72 -7.11
N PHE A 193 -13.23 12.72 -7.85
CA PHE A 193 -13.21 11.33 -7.41
C PHE A 193 -12.00 10.63 -8.03
N LEU A 194 -10.97 10.35 -7.22
CA LEU A 194 -9.77 9.66 -7.71
C LEU A 194 -9.96 8.15 -7.60
N HIS A 195 -9.77 7.43 -8.71
CA HIS A 195 -10.06 6.00 -8.78
C HIS A 195 -8.91 5.27 -9.46
N PRO A 196 -8.57 4.07 -8.97
CA PRO A 196 -7.46 3.33 -9.58
C PRO A 196 -7.79 2.65 -10.92
N HIS A 197 -6.76 2.08 -11.54
CA HIS A 197 -6.90 1.34 -12.81
C HIS A 197 -5.57 0.76 -13.29
N TYR A 198 -4.54 1.59 -13.28
CA TYR A 198 -3.24 1.22 -13.83
C TYR A 198 -2.49 0.24 -12.93
N GLY A 199 -2.86 0.21 -11.65
CA GLY A 199 -2.24 -0.70 -10.70
C GLY A 199 -0.75 -0.49 -10.61
N LEU A 200 -0.01 -1.58 -10.49
CA LEU A 200 1.44 -1.54 -10.34
C LEU A 200 2.07 -2.32 -11.50
N PRO A 201 3.36 -2.07 -11.78
CA PRO A 201 4.02 -2.86 -12.83
C PRO A 201 3.87 -4.35 -12.54
N ASN A 202 3.52 -5.11 -13.55
CA ASN A 202 3.12 -6.51 -13.39
C ASN A 202 4.18 -7.40 -12.74
N GLU A 203 5.45 -7.09 -12.95
CA GLU A 203 6.53 -7.90 -12.40
C GLU A 203 6.49 -8.03 -10.87
N VAL A 204 5.91 -7.05 -10.17
CA VAL A 204 5.83 -7.14 -8.70
C VAL A 204 5.00 -8.32 -8.22
N TYR A 205 4.12 -8.84 -9.08
CA TYR A 205 3.27 -9.98 -8.70
C TYR A 205 3.97 -11.33 -8.90
N GLY A 206 5.12 -11.33 -9.58
CA GLY A 206 5.96 -12.52 -9.68
C GLY A 206 5.59 -13.49 -10.78
N PRO A 207 6.41 -14.54 -10.97
CA PRO A 207 6.21 -15.46 -12.08
C PRO A 207 5.06 -16.44 -11.87
N ARG A 208 4.41 -16.41 -10.70
CA ARG A 208 3.22 -17.22 -10.46
C ARG A 208 1.95 -16.38 -10.49
N SER A 209 2.06 -15.16 -11.02
CA SER A 209 0.95 -14.22 -11.07
C SER A 209 -0.31 -14.80 -11.69
N GLU A 210 -0.16 -15.63 -12.71
CA GLU A 210 -1.33 -16.16 -13.43
C GLU A 210 -2.15 -17.18 -12.63
N GLU A 211 -1.62 -17.63 -11.50
CA GLU A 211 -2.31 -18.61 -10.65
C GLU A 211 -3.30 -17.99 -9.66
N TYR A 212 -3.24 -16.68 -9.48
CA TYR A 212 -3.95 -16.05 -8.37
C TYR A 212 -5.20 -15.28 -8.80
N GLY A 213 -5.70 -15.56 -10.00
CA GLY A 213 -6.85 -14.83 -10.53
C GLY A 213 -6.57 -13.34 -10.57
N HIS A 214 -7.56 -12.53 -10.19
CA HIS A 214 -7.41 -11.08 -10.19
C HIS A 214 -7.07 -10.53 -8.82
N VAL A 215 -6.80 -11.41 -7.87
CA VAL A 215 -6.71 -10.98 -6.48
C VAL A 215 -5.63 -9.93 -6.24
N LEU A 216 -4.42 -10.15 -6.72
CA LEU A 216 -3.33 -9.23 -6.40
C LEU A 216 -3.48 -7.85 -7.04
N PRO A 217 -3.79 -7.78 -8.34
CA PRO A 217 -3.96 -6.42 -8.91
C PRO A 217 -5.17 -5.68 -8.35
N LEU A 218 -6.26 -6.39 -8.05
CA LEU A 218 -7.46 -5.72 -7.54
C LEU A 218 -7.37 -5.42 -6.06
N ALA A 219 -6.89 -6.38 -5.27
CA ALA A 219 -6.82 -6.21 -3.81
C ALA A 219 -5.65 -5.35 -3.37
N LEU A 220 -4.55 -5.36 -4.12
CA LEU A 220 -3.34 -4.63 -3.73
C LEU A 220 -2.97 -3.54 -4.74
N GLY A 221 -2.90 -3.93 -6.02
CA GLY A 221 -2.50 -3.00 -7.07
C GLY A 221 -3.32 -1.72 -7.07
N PHE A 222 -4.64 -1.87 -7.07
CA PHE A 222 -5.56 -0.71 -7.10
C PHE A 222 -5.38 0.26 -5.91
N PRO A 223 -5.55 -0.23 -4.67
CA PRO A 223 -5.42 0.74 -3.55
C PRO A 223 -4.01 1.32 -3.39
N MET A 224 -3.00 0.55 -3.76
CA MET A 224 -1.63 1.05 -3.66
C MET A 224 -1.40 2.14 -4.70
N GLU A 225 -1.91 1.92 -5.91
CA GLU A 225 -1.85 2.94 -6.97
C GLU A 225 -2.46 4.26 -6.50
N THR A 226 -3.66 4.18 -5.91
CA THR A 226 -4.33 5.37 -5.40
C THR A 226 -3.47 6.08 -4.36
N THR A 227 -2.94 5.31 -3.42
CA THR A 227 -2.09 5.87 -2.36
C THR A 227 -0.88 6.59 -2.94
N ILE A 228 -0.20 5.95 -3.89
CA ILE A 228 0.98 6.56 -4.49
C ILE A 228 0.61 7.88 -5.17
N ALA A 229 -0.49 7.89 -5.91
CA ALA A 229 -0.89 9.07 -6.67
C ALA A 229 -1.21 10.23 -5.74
N VAL A 230 -1.99 9.99 -4.69
CA VAL A 230 -2.34 11.05 -3.76
C VAL A 230 -1.12 11.50 -2.94
N ALA A 231 -0.22 10.58 -2.63
CA ALA A 231 1.00 10.95 -1.92
C ALA A 231 1.86 11.88 -2.77
N ARG A 232 1.96 11.57 -4.06
CA ARG A 232 2.72 12.41 -4.99
C ARG A 232 2.08 13.80 -5.09
N MET A 233 0.74 13.86 -5.17
CA MET A 233 0.02 15.13 -5.13
C MET A 233 0.40 15.91 -3.88
N TYR A 234 0.35 15.24 -2.75
CA TYR A 234 0.63 15.89 -1.48
C TYR A 234 2.06 16.45 -1.46
N MET A 235 3.03 15.60 -1.81
CA MET A 235 4.43 16.00 -1.78
C MET A 235 4.71 17.16 -2.73
N ALA A 236 4.01 17.18 -3.86
CA ALA A 236 4.20 18.22 -4.87
C ALA A 236 3.54 19.53 -4.48
N GLY A 237 2.77 19.51 -3.39
CA GLY A 237 2.08 20.69 -2.89
C GLY A 237 0.77 21.01 -3.59
N VAL A 238 0.19 20.04 -4.29
CA VAL A 238 -1.07 20.26 -5.04
C VAL A 238 -2.17 20.80 -4.14
N PHE A 239 -2.24 20.30 -2.90
CA PHE A 239 -3.28 20.69 -1.96
C PHE A 239 -3.10 22.11 -1.43
N ASP A 240 -1.87 22.60 -1.43
CA ASP A 240 -1.61 23.99 -1.08
C ASP A 240 -1.75 24.91 -2.30
N HIS A 241 -1.36 24.41 -3.47
CA HIS A 241 -1.42 25.21 -4.70
C HIS A 241 -2.85 25.38 -5.23
N VAL A 242 -3.68 24.34 -5.06
CA VAL A 242 -5.11 24.43 -5.31
C VAL A 242 -5.82 24.32 -3.95
N ARG A 243 -5.91 25.44 -3.23
CA ARG A 243 -6.40 25.45 -1.84
C ARG A 243 -7.84 25.00 -1.69
N ASN A 244 -8.66 25.21 -2.72
CA ASN A 244 -10.07 24.81 -2.67
C ASN A 244 -10.32 23.44 -3.29
N LEU A 245 -9.26 22.72 -3.65
CA LEU A 245 -9.41 21.38 -4.21
C LEU A 245 -10.01 20.44 -3.15
N GLN A 246 -11.05 19.71 -3.54
CA GLN A 246 -11.64 18.70 -2.67
C GLN A 246 -11.60 17.38 -3.43
N MET A 247 -11.08 16.34 -2.80
CA MET A 247 -10.93 15.05 -3.47
C MET A 247 -11.61 13.92 -2.69
N LEU A 248 -12.35 13.08 -3.39
CA LEU A 248 -12.88 11.84 -2.84
C LEU A 248 -11.94 10.72 -3.29
N LEU A 249 -11.47 9.91 -2.34
CA LEU A 249 -10.55 8.81 -2.66
C LEU A 249 -11.26 7.46 -2.63
N ALA A 250 -11.12 6.72 -3.73
CA ALA A 250 -11.63 5.37 -3.86
C ALA A 250 -11.09 4.44 -2.76
N HIS A 251 -11.92 3.49 -2.33
CA HIS A 251 -11.49 2.41 -1.44
C HIS A 251 -10.87 2.94 -0.14
N SER A 252 -11.56 3.89 0.49
CA SER A 252 -11.12 4.46 1.76
C SER A 252 -9.70 5.03 1.70
N GLY A 253 -9.32 5.58 0.55
CA GLY A 253 -7.99 6.19 0.39
C GLY A 253 -6.90 5.19 0.02
N GLY A 254 -7.32 3.98 -0.33
CA GLY A 254 -6.37 2.95 -0.76
C GLY A 254 -5.68 2.32 0.44
N THR A 255 -4.57 2.92 0.87
CA THR A 255 -3.91 2.52 2.12
C THR A 255 -3.54 3.77 2.95
N LEU A 256 -4.00 4.93 2.52
CA LEU A 256 -3.54 6.20 3.09
C LEU A 256 -3.77 6.35 4.62
N PRO A 257 -4.97 5.99 5.11
CA PRO A 257 -5.16 6.07 6.57
C PRO A 257 -4.16 5.22 7.34
N PHE A 258 -3.78 4.08 6.79
CA PHE A 258 -2.84 3.19 7.49
C PHE A 258 -1.42 3.74 7.44
N LEU A 259 -1.08 4.44 6.35
CA LEU A 259 0.30 4.88 6.12
C LEU A 259 0.56 6.35 6.42
N ALA A 260 -0.48 7.10 6.77
CA ALA A 260 -0.35 8.54 7.01
C ALA A 260 0.71 8.89 8.04
N GLY A 261 0.76 8.12 9.13
CA GLY A 261 1.75 8.37 10.18
C GLY A 261 3.16 8.13 9.68
N ARG A 262 3.33 7.05 8.91
CA ARG A 262 4.62 6.72 8.33
C ARG A 262 5.09 7.79 7.35
N ILE A 263 4.17 8.28 6.52
CA ILE A 263 4.49 9.36 5.59
C ILE A 263 4.97 10.61 6.32
N GLU A 264 4.24 11.00 7.37
CA GLU A 264 4.63 12.15 8.17
C GLU A 264 6.01 11.98 8.78
N SER A 265 6.29 10.78 9.29
CA SER A 265 7.58 10.54 9.94
C SER A 265 8.73 10.55 8.93
N CYS A 266 8.53 9.93 7.77
CA CYS A 266 9.53 9.96 6.71
C CYS A 266 9.79 11.38 6.21
N ILE A 267 8.76 12.21 6.20
CA ILE A 267 8.91 13.60 5.80
C ILE A 267 9.79 14.38 6.78
N VAL A 268 9.42 14.36 8.06
CA VAL A 268 10.12 15.17 9.05
C VAL A 268 11.51 14.64 9.35
N HIS A 269 11.80 13.41 8.92
CA HIS A 269 13.13 12.83 9.09
C HIS A 269 13.88 12.74 7.78
N ASP A 270 13.37 13.36 6.73
CA ASP A 270 14.09 13.41 5.48
C ASP A 270 15.13 14.54 5.54
N GLY A 271 16.39 14.13 5.59
CA GLY A 271 17.49 15.06 5.78
C GLY A 271 17.56 16.11 4.70
N HIS A 272 17.56 15.63 3.48
CA HIS A 272 17.59 16.50 2.34
C HIS A 272 16.43 17.48 2.31
N LEU A 273 15.21 16.99 2.50
CA LEU A 273 14.04 17.87 2.50
C LEU A 273 14.14 18.94 3.58
N VAL A 274 14.50 18.51 4.78
CA VAL A 274 14.63 19.42 5.91
C VAL A 274 15.73 20.44 5.68
N LYS A 275 16.90 19.96 5.27
CA LYS A 275 18.06 20.84 5.07
C LYS A 275 17.87 21.85 3.93
N THR A 276 16.97 21.55 2.99
CA THR A 276 16.69 22.48 1.88
C THR A 276 15.41 23.29 2.10
N GLY A 277 14.88 23.28 3.32
CA GLY A 277 13.76 24.13 3.68
C GLY A 277 12.41 23.70 3.10
N LYS A 278 12.26 22.41 2.83
CA LYS A 278 10.99 21.92 2.28
C LYS A 278 10.09 21.33 3.35
N VAL A 279 10.50 21.44 4.62
CA VAL A 279 9.67 20.99 5.74
C VAL A 279 9.53 22.12 6.76
N PRO A 280 8.86 23.22 6.36
CA PRO A 280 8.71 24.34 7.29
C PRO A 280 7.79 23.95 8.45
N LYS A 281 7.91 24.63 9.59
CA LYS A 281 7.12 24.28 10.77
C LYS A 281 5.61 24.49 10.59
N ASP A 282 5.24 25.41 9.71
CA ASP A 282 3.83 25.69 9.40
C ASP A 282 3.28 24.83 8.25
N ARG A 283 4.04 23.81 7.85
CA ARG A 283 3.60 22.90 6.80
C ARG A 283 2.24 22.30 7.14
N ARG A 284 1.34 22.28 6.17
CA ARG A 284 0.07 21.55 6.34
C ARG A 284 0.35 20.05 6.22
N THR A 285 0.14 19.33 7.32
CA THR A 285 0.44 17.90 7.37
C THR A 285 -0.58 17.11 6.56
N ILE A 286 -0.29 15.83 6.35
CA ILE A 286 -1.19 14.94 5.62
C ILE A 286 -2.47 14.76 6.44
N TRP A 287 -2.33 14.81 7.76
CA TRP A 287 -3.47 14.73 8.68
C TRP A 287 -4.43 15.90 8.46
N THR A 288 -3.89 17.10 8.33
CA THR A 288 -4.71 18.30 8.09
C THR A 288 -5.42 18.20 6.74
N VAL A 289 -4.70 17.76 5.71
CA VAL A 289 -5.29 17.62 4.39
C VAL A 289 -6.39 16.55 4.41
N LEU A 290 -6.16 15.47 5.15
CA LEU A 290 -7.17 14.42 5.32
C LEU A 290 -8.45 14.94 5.99
N LYS A 291 -8.32 16.00 6.78
CA LYS A 291 -9.47 16.59 7.48
C LYS A 291 -10.13 17.70 6.69
N GLU A 292 -9.41 18.29 5.74
CA GLU A 292 -9.85 19.51 5.09
C GLU A 292 -10.10 19.42 3.58
N GLN A 293 -9.40 18.53 2.88
CA GLN A 293 -9.53 18.45 1.43
C GLN A 293 -9.74 17.06 0.86
N ILE A 294 -9.74 16.04 1.71
CA ILE A 294 -9.95 14.67 1.25
C ILE A 294 -11.23 14.12 1.87
N TYR A 295 -12.04 13.46 1.04
CA TYR A 295 -13.13 12.60 1.52
C TYR A 295 -12.74 11.18 1.18
N LEU A 296 -13.24 10.22 1.97
CA LEU A 296 -12.94 8.81 1.74
C LEU A 296 -14.23 8.06 1.50
N ASP A 297 -14.27 7.18 0.50
CA ASP A 297 -15.43 6.30 0.40
C ASP A 297 -15.28 5.22 1.45
N ALA A 298 -16.34 4.46 1.71
CA ALA A 298 -16.31 3.44 2.75
C ALA A 298 -16.19 2.04 2.15
N VAL A 299 -15.62 1.94 0.95
CA VAL A 299 -15.55 0.65 0.27
C VAL A 299 -14.26 -0.07 0.70
N ILE A 300 -14.32 -0.68 1.88
CA ILE A 300 -13.09 -1.20 2.52
C ILE A 300 -13.28 -2.62 3.04
N TYR A 301 -14.53 -3.08 3.09
CA TYR A 301 -14.85 -4.49 3.35
C TYR A 301 -14.49 -5.02 4.74
N SER A 302 -14.31 -4.12 5.71
CA SER A 302 -14.09 -4.52 7.09
C SER A 302 -14.19 -3.31 8.00
N GLU A 303 -14.63 -3.54 9.23
CA GLU A 303 -14.69 -2.46 10.22
C GLU A 303 -13.30 -2.04 10.66
N VAL A 304 -12.33 -2.96 10.55
CA VAL A 304 -10.93 -2.62 10.85
C VAL A 304 -10.50 -1.44 9.98
N GLY A 305 -10.60 -1.61 8.67
CA GLY A 305 -10.20 -0.55 7.75
C GLY A 305 -11.07 0.69 7.91
N LEU A 306 -12.37 0.49 8.08
CA LEU A 306 -13.29 1.63 8.15
C LEU A 306 -13.01 2.49 9.38
N GLN A 307 -12.70 1.85 10.50
CA GLN A 307 -12.40 2.58 11.74
C GLN A 307 -11.16 3.45 11.58
N ALA A 308 -10.15 2.93 10.91
CA ALA A 308 -8.94 3.70 10.61
C ALA A 308 -9.24 4.89 9.69
N ALA A 309 -10.07 4.64 8.68
CA ALA A 309 -10.49 5.71 7.76
C ALA A 309 -11.21 6.81 8.53
N ILE A 310 -12.16 6.40 9.38
CA ILE A 310 -12.90 7.36 10.20
C ILE A 310 -11.98 8.09 11.18
N ALA A 311 -11.03 7.37 11.77
CA ALA A 311 -10.06 7.99 12.69
C ALA A 311 -9.19 9.01 11.95
N SER A 312 -8.99 8.81 10.66
CA SER A 312 -8.12 9.67 9.86
C SER A 312 -8.78 10.95 9.37
N SER A 313 -10.05 10.85 8.95
CA SER A 313 -10.73 11.94 8.27
C SER A 313 -11.96 12.45 9.02
N GLY A 314 -12.44 11.68 9.98
CA GLY A 314 -13.69 12.01 10.66
C GLY A 314 -14.89 11.39 9.97
N ALA A 315 -15.93 11.13 10.77
CA ALA A 315 -17.15 10.50 10.29
C ALA A 315 -17.89 11.37 9.29
N ASP A 316 -17.69 12.69 9.36
CA ASP A 316 -18.33 13.61 8.43
C ASP A 316 -17.71 13.61 7.03
N ARG A 317 -16.61 12.89 6.84
CA ARG A 317 -15.92 12.85 5.54
C ARG A 317 -15.81 11.45 4.94
N LEU A 318 -16.58 10.50 5.51
CA LEU A 318 -16.70 9.15 4.96
C LEU A 318 -18.03 9.01 4.21
N MET A 319 -18.01 8.35 3.06
CA MET A 319 -19.22 8.18 2.25
C MET A 319 -19.38 6.75 1.76
N PHE A 320 -20.55 6.16 2.02
CA PHE A 320 -20.88 4.80 1.58
C PHE A 320 -20.84 4.63 0.06
N GLY A 321 -20.34 3.48 -0.38
CA GLY A 321 -20.33 3.10 -1.79
C GLY A 321 -20.43 1.59 -1.94
N THR A 322 -20.81 1.12 -3.12
CA THR A 322 -20.94 -0.33 -3.36
C THR A 322 -19.97 -0.90 -4.39
N ASN A 323 -19.42 -0.03 -5.24
CA ASN A 323 -18.68 -0.45 -6.42
C ASN A 323 -19.51 -1.38 -7.34
N HIS A 324 -20.82 -1.21 -7.33
CA HIS A 324 -21.68 -1.90 -8.28
C HIS A 324 -21.29 -1.45 -9.69
N PRO A 325 -21.27 -2.38 -10.66
CA PRO A 325 -21.62 -3.79 -10.60
C PRO A 325 -20.41 -4.73 -10.63
N PHE A 326 -19.25 -4.26 -10.18
CA PHE A 326 -18.10 -5.15 -10.10
C PHE A 326 -18.29 -6.12 -8.94
N PHE A 327 -17.55 -7.22 -8.97
CA PHE A 327 -17.62 -8.24 -7.92
C PHE A 327 -19.04 -8.75 -7.66
N PRO A 328 -19.72 -9.28 -8.70
CA PRO A 328 -21.01 -9.89 -8.40
C PRO A 328 -20.81 -11.20 -7.63
N PRO A 329 -21.86 -11.67 -6.93
CA PRO A 329 -21.85 -12.99 -6.31
C PRO A 329 -21.51 -14.07 -7.33
N ILE A 330 -20.68 -15.05 -6.96
CA ILE A 330 -20.29 -16.10 -7.91
C ILE A 330 -21.28 -17.26 -7.93
N TRP A 338 -26.62 -8.43 -3.19
CA TRP A 338 -25.20 -8.26 -3.46
C TRP A 338 -24.42 -8.19 -2.15
N ASP A 339 -23.79 -9.31 -1.81
CA ASP A 339 -22.93 -9.43 -0.63
C ASP A 339 -21.94 -8.26 -0.49
N SER A 340 -21.39 -7.81 -1.61
CA SER A 340 -20.41 -6.71 -1.62
C SER A 340 -20.98 -5.39 -1.09
N SER A 341 -22.24 -5.09 -1.42
CA SER A 341 -22.91 -3.90 -0.91
C SER A 341 -23.24 -4.03 0.58
N ARG A 342 -23.69 -5.22 0.96
CA ARG A 342 -24.17 -5.46 2.31
C ARG A 342 -23.06 -5.55 3.35
N LEU A 343 -21.93 -6.16 2.98
CA LEU A 343 -20.76 -6.25 3.87
C LEU A 343 -20.33 -4.86 4.31
N ASN A 344 -20.25 -3.94 3.34
CA ASN A 344 -19.84 -2.58 3.62
C ASN A 344 -20.85 -1.82 4.48
N ALA A 345 -22.14 -2.08 4.26
CA ALA A 345 -23.19 -1.51 5.11
C ALA A 345 -23.04 -2.02 6.56
N GLN A 346 -22.76 -3.32 6.70
CA GLN A 346 -22.55 -3.91 8.01
C GLN A 346 -21.29 -3.34 8.67
N ALA A 347 -20.26 -3.11 7.86
CA ALA A 347 -19.00 -2.54 8.34
C ALA A 347 -19.24 -1.17 8.96
N VAL A 348 -20.09 -0.37 8.32
CA VAL A 348 -20.48 0.94 8.84
C VAL A 348 -21.13 0.82 10.22
N ILE A 349 -22.13 -0.05 10.33
CA ILE A 349 -22.83 -0.24 11.60
C ILE A 349 -21.90 -0.71 12.73
N LYS A 350 -21.10 -1.75 12.46
CA LYS A 350 -20.10 -2.22 13.42
C LYS A 350 -19.21 -1.08 13.87
N ALA A 351 -18.85 -0.22 12.93
CA ALA A 351 -17.91 0.88 13.17
C ALA A 351 -18.51 2.01 13.99
N VAL A 352 -19.74 2.44 13.68
CA VAL A 352 -20.31 3.62 14.32
C VAL A 352 -21.67 3.39 14.98
N GLY A 353 -22.13 2.15 15.00
CA GLY A 353 -23.37 1.79 15.69
C GLY A 353 -24.61 2.10 14.87
N GLU A 354 -25.56 1.17 14.89
CA GLU A 354 -26.81 1.35 14.15
C GLU A 354 -27.60 2.51 14.72
N GLY A 355 -28.31 3.24 13.85
CA GLY A 355 -29.16 4.34 14.28
C GLY A 355 -28.44 5.62 14.69
N SER A 356 -27.12 5.61 14.65
CA SER A 356 -26.32 6.77 15.07
C SER A 356 -26.33 7.88 14.02
N SER A 357 -25.96 9.09 14.44
CA SER A 357 -25.86 10.22 13.51
C SER A 357 -24.69 10.00 12.56
N ASP A 358 -23.62 9.40 13.08
CA ASP A 358 -22.47 9.04 12.27
C ASP A 358 -22.84 8.02 11.18
N ALA A 359 -23.69 7.05 11.52
CA ALA A 359 -24.11 6.05 10.54
C ALA A 359 -24.92 6.69 9.42
N ALA A 360 -25.89 7.52 9.80
CA ALA A 360 -26.68 8.25 8.83
C ALA A 360 -25.80 9.14 7.95
N ALA A 361 -24.78 9.76 8.56
CA ALA A 361 -23.81 10.58 7.82
C ALA A 361 -23.11 9.77 6.75
N VAL A 362 -22.48 8.67 7.17
CA VAL A 362 -21.71 7.83 6.25
C VAL A 362 -22.61 7.22 5.16
N MET A 363 -23.78 6.73 5.56
CA MET A 363 -24.68 6.04 4.62
C MET A 363 -25.30 6.97 3.58
N GLY A 364 -25.28 8.29 3.80
CA GLY A 364 -25.85 9.20 2.81
C GLY A 364 -25.81 10.70 3.05
N LEU A 365 -25.98 11.15 4.29
CA LEU A 365 -26.12 12.58 4.55
C LEU A 365 -24.86 13.38 4.21
N ASN A 366 -23.68 12.78 4.39
CA ASN A 366 -22.44 13.42 3.96
C ASN A 366 -22.46 13.70 2.47
N ALA A 367 -22.80 12.69 1.67
CA ALA A 367 -22.86 12.85 0.23
C ALA A 367 -23.90 13.88 -0.17
N VAL A 368 -25.05 13.86 0.49
CA VAL A 368 -26.12 14.83 0.19
C VAL A 368 -25.61 16.25 0.41
N ARG A 369 -24.97 16.46 1.56
CA ARG A 369 -24.43 17.79 1.90
C ARG A 369 -23.31 18.22 0.96
N VAL A 370 -22.28 17.38 0.82
CA VAL A 370 -21.08 17.75 0.07
C VAL A 370 -21.35 17.89 -1.43
N LEU A 371 -22.21 17.04 -1.97
CA LEU A 371 -22.50 17.03 -3.40
C LEU A 371 -23.79 17.75 -3.78
N SER A 372 -24.41 18.44 -2.82
CA SER A 372 -25.66 19.19 -3.07
C SER A 372 -26.68 18.34 -3.81
N LEU A 373 -27.05 17.20 -3.22
CA LEU A 373 -27.86 16.22 -3.94
C LEU A 373 -29.34 16.57 -3.88
N LYS A 374 -29.67 17.76 -4.39
CA LYS A 374 -31.03 18.22 -4.58
C LYS A 374 -31.17 18.98 -5.90
N ALA A 375 -30.52 20.15 -5.95
CA ALA A 375 -30.64 21.12 -7.06
C ALA A 375 -30.92 20.53 -8.45
N GLU A 376 -29.85 20.40 -9.25
CA GLU A 376 -29.87 19.83 -10.60
C GLU A 376 -28.59 20.26 -11.32
N PRO B 6 6.51 -4.30 32.15
CA PRO B 6 7.84 -4.17 32.73
C PRO B 6 8.94 -3.98 31.69
N VAL B 7 9.28 -5.06 31.00
CA VAL B 7 10.41 -5.10 30.09
C VAL B 7 10.09 -4.43 28.76
N VAL B 8 10.95 -3.50 28.33
CA VAL B 8 10.82 -2.92 26.99
C VAL B 8 11.79 -3.64 26.06
N VAL B 9 11.25 -4.28 25.02
CA VAL B 9 12.06 -5.02 24.04
C VAL B 9 11.89 -4.37 22.67
N ASP B 10 12.98 -4.18 21.95
CA ASP B 10 12.97 -3.56 20.63
C ASP B 10 13.29 -4.65 19.62
N ILE B 11 12.31 -5.10 18.84
CA ILE B 11 12.54 -6.21 17.89
C ILE B 11 12.83 -5.73 16.48
N HIS B 12 12.85 -4.42 16.28
CA HIS B 12 13.10 -3.85 14.97
C HIS B 12 14.22 -2.82 15.10
N THR B 13 15.44 -3.30 15.05
CA THR B 13 16.58 -2.43 15.34
C THR B 13 17.80 -3.04 14.66
N HIS B 14 18.52 -2.23 13.88
CA HIS B 14 19.51 -2.76 12.95
C HIS B 14 20.94 -2.34 13.23
N MET B 15 21.88 -3.12 12.68
CA MET B 15 23.30 -2.74 12.63
C MET B 15 23.95 -3.21 11.32
N TYR B 16 24.96 -2.49 10.87
CA TYR B 16 25.91 -3.02 9.90
C TYR B 16 27.21 -3.17 10.68
N PRO B 17 27.67 -4.42 10.92
CA PRO B 17 28.96 -4.58 11.59
C PRO B 17 30.08 -3.87 10.83
N PRO B 18 31.11 -3.37 11.54
CA PRO B 18 32.22 -2.67 10.89
C PRO B 18 32.82 -3.42 9.68
N SER B 19 32.80 -4.76 9.74
CA SER B 19 33.28 -5.57 8.62
C SER B 19 32.43 -5.32 7.38
N TYR B 20 31.11 -5.29 7.59
CA TYR B 20 30.15 -5.09 6.52
C TYR B 20 30.35 -3.72 5.87
N ILE B 21 30.51 -2.67 6.68
CA ILE B 21 30.75 -1.31 6.14
C ILE B 21 32.04 -1.24 5.34
N ALA B 22 33.11 -1.82 5.89
CA ALA B 22 34.40 -1.80 5.21
C ALA B 22 34.30 -2.38 3.80
N MET B 23 33.51 -3.44 3.67
CA MET B 23 33.16 -4.01 2.37
C MET B 23 32.41 -2.98 1.51
N LEU B 24 31.42 -2.31 2.09
CA LEU B 24 30.65 -1.29 1.37
C LEU B 24 31.51 -0.12 0.88
N GLU B 25 32.51 0.26 1.67
CA GLU B 25 33.39 1.38 1.32
C GLU B 25 34.21 1.10 0.06
N LYS B 26 34.41 -0.19 -0.24
CA LYS B 26 35.22 -0.61 -1.38
C LYS B 26 34.37 -0.90 -2.62
N ARG B 27 33.06 -0.94 -2.45
CA ARG B 27 32.18 -1.34 -3.55
C ARG B 27 31.95 -0.26 -4.61
N GLN B 28 31.86 -0.73 -5.84
CA GLN B 28 31.72 0.12 -7.03
C GLN B 28 30.25 0.44 -7.33
N THR B 29 29.36 -0.47 -6.97
CA THR B 29 27.94 -0.31 -7.24
C THR B 29 27.10 -0.55 -5.99
N ILE B 30 25.89 -0.01 -6.00
CA ILE B 30 24.92 -0.17 -4.92
C ILE B 30 24.75 -1.64 -4.51
N PRO B 31 24.87 -1.93 -3.20
CA PRO B 31 25.13 -0.98 -2.13
C PRO B 31 26.60 -0.64 -1.97
N LEU B 32 26.85 0.56 -1.48
CA LEU B 32 28.21 1.04 -1.28
C LEU B 32 28.22 2.20 -0.30
N VAL B 33 29.40 2.51 0.21
CA VAL B 33 29.60 3.67 1.05
C VAL B 33 30.65 4.54 0.37
N ARG B 34 30.35 5.82 0.22
CA ARG B 34 31.24 6.74 -0.49
C ARG B 34 31.40 8.05 0.24
N THR B 35 32.62 8.56 0.27
CA THR B 35 32.92 9.86 0.86
C THR B 35 32.85 10.94 -0.22
N PHE B 36 32.25 12.08 0.14
CA PHE B 36 32.15 13.22 -0.77
C PHE B 36 32.73 14.47 -0.10
N PRO B 37 33.50 15.27 -0.86
CA PRO B 37 34.12 16.49 -0.32
C PRO B 37 33.13 17.50 0.25
N GLN B 38 31.88 17.45 -0.21
CA GLN B 38 30.86 18.39 0.24
C GLN B 38 30.52 18.24 1.74
N ALA B 39 30.76 17.06 2.29
CA ALA B 39 30.54 16.82 3.73
C ALA B 39 31.36 15.62 4.24
N GLU B 41 31.38 13.24 6.67
CA GLU B 41 30.47 12.11 6.83
C GLU B 41 30.35 11.33 5.51
N PRO B 42 30.58 10.01 5.55
CA PRO B 42 30.35 9.16 4.38
C PRO B 42 28.87 9.07 4.00
N ARG B 43 28.60 8.76 2.74
CA ARG B 43 27.23 8.54 2.27
C ARG B 43 26.96 7.04 2.19
N LEU B 44 25.79 6.64 2.68
CA LEU B 44 25.33 5.26 2.55
C LEU B 44 24.31 5.20 1.42
N ILE B 45 24.65 4.46 0.36
CA ILE B 45 23.81 4.37 -0.82
C ILE B 45 23.36 2.92 -1.01
N LEU B 46 22.10 2.66 -0.69
CA LEU B 46 21.60 1.29 -0.58
C LEU B 46 20.55 0.94 -1.63
N LEU B 47 19.75 1.92 -2.02
CA LEU B 47 18.50 1.65 -2.73
C LEU B 47 18.64 1.88 -4.24
N SER B 48 17.80 1.20 -5.01
CA SER B 48 17.73 1.43 -6.45
C SER B 48 17.20 2.82 -6.75
N SER B 49 16.38 3.35 -5.84
CA SER B 49 15.82 4.70 -5.97
C SER B 49 16.88 5.81 -5.82
N GLU B 50 18.10 5.43 -5.42
CA GLU B 50 19.19 6.38 -5.18
C GLU B 50 20.23 6.39 -6.31
N LEU B 51 19.99 5.60 -7.35
CA LEU B 51 20.99 5.41 -8.42
C LEU B 51 21.16 6.66 -9.29
N ALA B 52 20.05 7.33 -9.62
CA ALA B 52 20.12 8.55 -10.43
C ALA B 52 20.88 9.65 -9.70
N ALA B 53 20.57 9.82 -8.41
CA ALA B 53 21.26 10.81 -7.57
C ALA B 53 22.75 10.48 -7.39
N LEU B 54 23.06 9.19 -7.35
CA LEU B 54 24.45 8.74 -7.21
C LEU B 54 25.26 9.10 -8.45
N ASP B 55 24.71 8.77 -9.62
CA ASP B 55 25.39 9.03 -10.89
C ASP B 55 25.62 10.54 -11.09
N ALA B 56 24.62 11.34 -10.75
CA ALA B 56 24.69 12.79 -10.89
C ALA B 56 25.69 13.44 -9.91
N ALA B 57 25.91 12.79 -8.77
CA ALA B 57 26.88 13.28 -7.78
C ALA B 57 28.31 12.87 -8.14
N LEU B 58 28.45 11.67 -8.69
CA LEU B 58 29.72 11.21 -9.24
C LEU B 58 30.16 12.12 -10.39
N ALA B 59 29.19 12.51 -11.22
CA ALA B 59 29.45 13.37 -12.36
C ALA B 59 29.52 14.84 -11.93
N PRO B 61 29.21 17.48 -9.26
CA PRO B 61 30.03 18.51 -8.64
C PRO B 61 29.27 19.22 -7.50
N ALA B 62 28.30 20.05 -7.86
CA ALA B 62 27.43 20.70 -6.89
C ALA B 62 26.06 20.03 -6.83
N ALA B 63 25.99 18.80 -7.35
CA ALA B 63 24.79 17.98 -7.19
C ALA B 63 24.67 17.57 -5.72
N LYS B 64 23.44 17.37 -5.26
CA LYS B 64 23.20 17.06 -3.85
C LYS B 64 23.89 15.76 -3.44
N LEU B 65 24.10 15.59 -2.13
CA LEU B 65 24.71 14.37 -1.62
C LEU B 65 23.76 13.18 -1.77
N PRO B 66 24.23 12.11 -2.42
CA PRO B 66 23.38 10.93 -2.65
C PRO B 66 23.28 10.07 -1.39
N GLY B 67 22.27 9.19 -1.37
CA GLY B 67 22.07 8.30 -0.24
C GLY B 67 21.77 9.03 1.06
N ARG B 68 22.21 8.45 2.17
CA ARG B 68 22.00 9.04 3.49
C ARG B 68 23.32 9.06 4.26
N PRO B 69 23.46 10.00 5.22
CA PRO B 69 24.68 10.09 6.02
C PRO B 69 24.96 8.80 6.81
N LEU B 70 26.17 8.26 6.65
CA LEU B 70 26.58 7.09 7.40
C LEU B 70 27.16 7.49 8.74
N SER B 71 26.31 7.57 9.76
CA SER B 71 26.79 7.86 11.10
C SER B 71 27.39 6.59 11.72
N THR B 72 28.03 6.76 12.88
CA THR B 72 28.60 5.63 13.61
C THR B 72 27.52 4.78 14.27
N HIS B 73 26.28 5.27 14.23
CA HIS B 73 25.13 4.59 14.83
C HIS B 73 24.80 3.29 14.13
N PHE B 74 25.23 3.16 12.87
CA PHE B 74 25.02 1.94 12.10
C PHE B 74 25.97 0.83 12.52
N ALA B 75 27.18 1.22 12.94
CA ALA B 75 28.27 0.28 13.12
C ALA B 75 28.69 0.05 14.56
N SER B 76 28.28 0.93 15.46
CA SER B 76 28.81 0.90 16.83
C SER B 76 27.91 0.16 17.81
N LEU B 77 28.44 -0.90 18.41
CA LEU B 77 27.71 -1.61 19.46
C LEU B 77 27.51 -0.71 20.69
N ALA B 78 28.55 0.05 21.05
CA ALA B 78 28.43 0.98 22.18
C ALA B 78 27.34 2.02 21.91
N GLN B 79 27.26 2.48 20.67
CA GLN B 79 26.23 3.44 20.30
C GLN B 79 24.84 2.81 20.39
N LYS B 80 24.72 1.53 20.03
CA LYS B 80 23.46 0.81 20.18
C LYS B 80 22.98 0.78 21.63
N MET B 81 23.89 0.44 22.53
CA MET B 81 23.58 0.34 23.96
C MET B 81 23.22 1.70 24.54
N HIS B 82 23.94 2.73 24.11
CA HIS B 82 23.64 4.10 24.53
C HIS B 82 22.25 4.53 24.07
N PHE B 83 21.90 4.20 22.82
CA PHE B 83 20.57 4.52 22.30
C PHE B 83 19.51 3.82 23.13
N MET B 84 19.78 2.57 23.50
CA MET B 84 18.87 1.81 24.35
C MET B 84 18.72 2.47 25.72
N ASP B 85 19.84 2.92 26.29
CA ASP B 85 19.84 3.56 27.61
C ASP B 85 19.35 5.00 27.62
N THR B 86 19.16 5.60 26.45
CA THR B 86 18.60 6.95 26.40
C THR B 86 17.16 6.92 25.90
N ASN B 87 16.69 5.73 25.51
CA ASN B 87 15.33 5.58 25.01
C ASN B 87 14.51 4.54 25.80
N GLY B 88 14.98 4.20 26.99
CA GLY B 88 14.24 3.33 27.90
C GLY B 88 14.04 1.91 27.41
N ILE B 89 14.97 1.44 26.59
CA ILE B 89 14.90 0.09 26.04
C ILE B 89 15.83 -0.83 26.81
N ARG B 90 15.29 -1.95 27.27
CA ARG B 90 16.04 -2.91 28.06
C ARG B 90 16.74 -3.96 27.20
N VAL B 91 16.02 -4.46 26.19
CA VAL B 91 16.50 -5.56 25.35
C VAL B 91 16.29 -5.23 23.88
N SER B 92 17.31 -5.46 23.06
CA SER B 92 17.16 -5.32 21.61
C SER B 92 17.34 -6.69 20.95
N VAL B 93 16.52 -6.97 19.94
CA VAL B 93 16.75 -8.13 19.11
C VAL B 93 17.24 -7.57 17.78
N ILE B 94 18.56 -7.48 17.66
CA ILE B 94 19.16 -6.74 16.54
C ILE B 94 19.21 -7.58 15.26
N SER B 95 19.30 -6.89 14.13
CA SER B 95 19.33 -7.57 12.84
C SER B 95 20.21 -6.79 11.86
N LEU B 96 20.77 -7.49 10.90
CA LEU B 96 21.48 -6.83 9.82
C LEU B 96 20.48 -5.97 9.08
N ALA B 97 20.90 -4.80 8.61
CA ALA B 97 19.99 -3.98 7.82
C ALA B 97 20.02 -4.41 6.35
N ASN B 98 18.93 -4.10 5.65
CA ASN B 98 18.87 -4.24 4.19
C ASN B 98 20.09 -3.61 3.51
N PRO B 99 20.58 -4.24 2.42
CA PRO B 99 20.04 -5.44 1.78
C PRO B 99 20.68 -6.74 2.24
N TRP B 100 21.18 -6.78 3.47
CA TRP B 100 21.74 -8.03 4.02
C TRP B 100 22.84 -8.59 3.10
N PHE B 101 22.71 -9.87 2.71
CA PHE B 101 23.67 -10.52 1.84
C PHE B 101 23.12 -10.68 0.42
N ASP B 102 21.97 -10.06 0.15
CA ASP B 102 21.24 -10.21 -1.11
C ASP B 102 22.03 -9.91 -2.38
N PHE B 103 22.88 -8.89 -2.32
CA PHE B 103 23.53 -8.35 -3.52
C PHE B 103 24.81 -9.09 -3.92
N LEU B 104 25.26 -10.00 -3.07
CA LEU B 104 26.54 -10.65 -3.29
C LEU B 104 26.44 -11.68 -4.40
N ALA B 105 27.58 -11.95 -5.06
CA ALA B 105 27.66 -13.03 -6.01
C ALA B 105 27.41 -14.33 -5.24
N PRO B 106 26.76 -15.31 -5.89
CA PRO B 106 26.41 -16.58 -5.25
C PRO B 106 27.59 -17.26 -4.57
N ASP B 107 28.79 -17.05 -5.11
CA ASP B 107 30.01 -17.68 -4.64
C ASP B 107 30.58 -17.07 -3.35
N GLU B 108 30.47 -15.76 -3.21
CA GLU B 108 31.03 -15.06 -2.05
C GLU B 108 30.03 -14.93 -0.90
N ALA B 109 28.74 -15.08 -1.20
CA ALA B 109 27.68 -14.87 -0.22
C ALA B 109 27.68 -15.81 1.01
N PRO B 110 27.78 -17.14 0.80
CA PRO B 110 27.79 -18.03 1.98
C PRO B 110 28.85 -17.65 3.01
N GLY B 111 30.09 -17.51 2.55
CA GLY B 111 31.22 -17.22 3.42
C GLY B 111 31.06 -15.97 4.25
N ILE B 112 30.51 -14.92 3.64
CA ILE B 112 30.35 -13.66 4.36
C ILE B 112 29.09 -13.66 5.22
N ALA B 113 28.03 -14.28 4.72
CA ALA B 113 26.79 -14.41 5.49
C ALA B 113 27.06 -15.07 6.85
N ASP B 114 27.82 -16.16 6.83
CA ASP B 114 28.09 -16.93 8.04
C ASP B 114 29.05 -16.18 8.97
N ALA B 115 30.04 -15.50 8.40
CA ALA B 115 30.96 -14.71 9.22
C ALA B 115 30.22 -13.59 9.93
N VAL B 116 29.31 -12.95 9.21
CA VAL B 116 28.53 -11.84 9.76
C VAL B 116 27.52 -12.30 10.82
N ASN B 117 26.86 -13.43 10.57
CA ASN B 117 26.00 -14.02 11.60
C ASN B 117 26.78 -14.34 12.87
N ALA B 118 28.00 -14.83 12.70
CA ALA B 118 28.86 -15.14 13.85
C ALA B 118 29.22 -13.86 14.62
N GLU B 119 29.37 -12.74 13.92
CA GLU B 119 29.72 -11.47 14.56
C GLU B 119 28.54 -10.96 15.39
N PHE B 120 27.32 -11.18 14.91
CA PHE B 120 26.15 -10.77 15.67
C PHE B 120 26.07 -11.56 16.97
N SER B 121 26.34 -12.86 16.90
CA SER B 121 26.39 -13.69 18.10
C SER B 121 27.46 -13.19 19.07
N ASP B 122 28.64 -12.84 18.56
CA ASP B 122 29.72 -12.25 19.35
C ASP B 122 29.26 -10.96 20.03
N MET B 123 28.56 -10.13 19.28
CA MET B 123 28.10 -8.85 19.80
C MET B 123 27.14 -9.05 20.96
N CYS B 124 26.21 -9.98 20.80
CA CYS B 124 25.22 -10.26 21.84
C CYS B 124 25.90 -10.76 23.11
N ALA B 125 26.99 -11.54 22.96
CA ALA B 125 27.76 -12.04 24.10
C ALA B 125 28.40 -10.93 24.95
N GLN B 126 28.56 -9.73 24.37
CA GLN B 126 29.10 -8.59 25.10
C GLN B 126 28.10 -8.04 26.13
N HIS B 127 26.82 -8.32 25.92
CA HIS B 127 25.77 -7.76 26.76
C HIS B 127 24.66 -8.78 26.98
N VAL B 128 25.04 -9.90 27.59
CA VAL B 128 24.16 -11.03 27.84
C VAL B 128 22.91 -10.58 28.58
N GLY B 129 21.75 -10.96 28.04
CA GLY B 129 20.46 -10.60 28.63
C GLY B 129 19.85 -9.37 27.99
N ARG B 130 20.68 -8.50 27.40
CA ARG B 130 20.17 -7.29 26.75
C ARG B 130 20.17 -7.35 25.21
N LEU B 131 20.79 -8.38 24.64
CA LEU B 131 20.93 -8.47 23.19
C LEU B 131 20.72 -9.87 22.65
N PHE B 132 19.82 -9.97 21.68
CA PHE B 132 19.58 -11.19 20.93
C PHE B 132 19.56 -10.75 19.46
N PHE B 133 19.54 -11.67 18.51
CA PHE B 133 19.57 -11.26 17.11
C PHE B 133 18.80 -12.16 16.16
N PHE B 134 18.35 -11.57 15.05
CA PHE B 134 17.82 -12.30 13.91
C PHE B 134 18.99 -12.47 12.95
N ALA B 135 19.20 -13.68 12.44
CA ALA B 135 20.30 -13.93 11.49
C ALA B 135 19.84 -13.67 10.05
N ALA B 136 20.78 -13.41 9.15
CA ALA B 136 20.43 -13.26 7.74
C ALA B 136 20.98 -14.44 6.92
N LEU B 137 20.42 -14.67 5.73
CA LEU B 137 20.78 -15.86 4.94
C LEU B 137 21.35 -15.55 3.55
N PRO B 138 22.25 -16.42 3.03
CA PRO B 138 22.83 -16.19 1.71
C PRO B 138 21.87 -16.62 0.59
N LEU B 139 20.77 -15.90 0.43
CA LEU B 139 19.71 -16.32 -0.49
C LEU B 139 20.05 -16.13 -1.98
N SER B 140 21.20 -15.54 -2.28
CA SER B 140 21.69 -15.48 -3.67
C SER B 140 22.44 -16.76 -4.04
N ALA B 141 22.81 -17.53 -3.02
CA ALA B 141 23.54 -18.78 -3.20
C ALA B 141 22.55 -19.92 -3.43
N PRO B 142 23.05 -21.10 -3.86
CA PRO B 142 22.15 -22.26 -3.95
C PRO B 142 21.52 -22.62 -2.61
N VAL B 143 20.37 -23.29 -2.66
CA VAL B 143 19.62 -23.69 -1.47
C VAL B 143 20.48 -24.46 -0.48
N ASP B 144 21.40 -25.29 -0.98
CA ASP B 144 22.30 -26.04 -0.10
C ASP B 144 23.08 -25.12 0.83
N ALA B 145 23.48 -23.95 0.35
CA ALA B 145 24.27 -23.03 1.16
C ALA B 145 23.37 -22.31 2.15
N VAL B 146 22.15 -22.02 1.72
CA VAL B 146 21.14 -21.40 2.58
C VAL B 146 20.82 -22.32 3.75
N LYS B 147 20.70 -23.62 3.46
CA LYS B 147 20.46 -24.62 4.49
C LYS B 147 21.66 -24.78 5.43
N ALA B 148 22.88 -24.73 4.89
CA ALA B 148 24.08 -24.79 5.73
C ALA B 148 24.13 -23.59 6.67
N SER B 149 23.75 -22.42 6.17
CA SER B 149 23.70 -21.23 7.01
C SER B 149 22.64 -21.35 8.11
N ILE B 150 21.50 -21.95 7.79
CA ILE B 150 20.46 -22.20 8.79
C ILE B 150 20.97 -23.12 9.89
N GLU B 151 21.66 -24.19 9.51
CA GLU B 151 22.23 -25.12 10.47
C GLU B 151 23.27 -24.44 11.38
N ARG B 152 24.04 -23.51 10.84
CA ARG B 152 24.98 -22.74 11.65
C ARG B 152 24.29 -21.75 12.60
N VAL B 153 23.24 -21.05 12.13
CA VAL B 153 22.56 -20.09 13.01
C VAL B 153 21.76 -20.80 14.12
N LYS B 154 21.30 -22.01 13.85
CA LYS B 154 20.59 -22.82 14.86
C LYS B 154 21.43 -23.05 16.11
N ASN B 155 22.75 -23.19 15.93
CA ASN B 155 23.68 -23.44 17.05
C ASN B 155 24.30 -22.17 17.64
N LEU B 156 24.01 -21.02 17.03
CA LEU B 156 24.57 -19.75 17.48
C LEU B 156 23.85 -19.24 18.72
N LYS B 157 24.62 -19.02 19.79
CA LYS B 157 24.08 -18.42 21.01
C LYS B 157 23.44 -17.06 20.72
N TYR B 158 22.29 -16.82 21.34
CA TYR B 158 21.55 -15.54 21.30
C TYR B 158 20.77 -15.27 20.01
N CYS B 159 20.82 -16.22 19.08
CA CYS B 159 20.03 -16.10 17.86
C CYS B 159 18.60 -16.53 18.13
N ARG B 160 17.63 -15.73 17.70
CA ARG B 160 16.22 -16.03 17.97
C ARG B 160 15.37 -16.03 16.71
N GLY B 161 15.99 -15.85 15.54
CA GLY B 161 15.23 -15.84 14.31
C GLY B 161 16.06 -15.53 13.08
N ILE B 162 15.36 -15.29 11.99
CA ILE B 162 15.97 -14.98 10.69
C ILE B 162 15.31 -13.72 10.17
N ILE B 163 16.10 -12.77 9.68
CA ILE B 163 15.52 -11.64 8.95
C ILE B 163 15.73 -11.92 7.46
N LEU B 164 14.70 -11.73 6.65
CA LEU B 164 14.86 -11.90 5.21
C LEU B 164 13.99 -10.93 4.43
N GLY B 165 14.41 -10.66 3.21
CA GLY B 165 13.68 -9.77 2.31
C GLY B 165 12.65 -10.53 1.50
N THR B 166 12.12 -9.85 0.50
CA THR B 166 10.99 -10.35 -0.26
C THR B 166 11.41 -11.12 -1.51
N SER B 167 12.70 -11.09 -1.84
CA SER B 167 13.18 -11.64 -3.11
C SER B 167 13.38 -13.15 -3.07
N GLY B 168 13.51 -13.70 -1.86
CA GLY B 168 13.77 -15.13 -1.68
C GLY B 168 15.00 -15.56 -2.44
N LEU B 169 14.87 -16.66 -3.18
CA LEU B 169 15.98 -17.17 -3.99
C LEU B 169 16.12 -16.40 -5.29
N GLY B 170 15.21 -15.45 -5.52
CA GLY B 170 15.22 -14.65 -6.74
C GLY B 170 13.88 -14.60 -7.44
N LYS B 171 12.93 -15.41 -6.97
CA LYS B 171 11.59 -15.45 -7.57
C LYS B 171 10.49 -15.14 -6.57
N GLY B 172 10.85 -14.52 -5.45
CA GLY B 172 9.88 -14.12 -4.43
C GLY B 172 9.59 -15.22 -3.44
N LEU B 173 8.68 -14.96 -2.51
CA LEU B 173 8.43 -15.87 -1.40
C LEU B 173 7.40 -16.96 -1.69
N ASP B 174 6.74 -16.89 -2.84
CA ASP B 174 5.85 -17.96 -3.28
C ASP B 174 6.58 -19.00 -4.14
N ASP B 175 7.90 -18.89 -4.21
CA ASP B 175 8.74 -19.82 -4.96
C ASP B 175 8.77 -21.18 -4.27
N PRO B 176 8.27 -22.23 -4.94
CA PRO B 176 8.24 -23.59 -4.37
C PRO B 176 9.59 -24.09 -3.84
N HIS B 177 10.69 -23.71 -4.49
CA HIS B 177 12.03 -24.12 -4.04
C HIS B 177 12.39 -23.53 -2.69
N LEU B 178 11.61 -22.55 -2.25
CA LEU B 178 11.87 -21.89 -0.98
C LEU B 178 11.19 -22.62 0.17
N LEU B 179 10.22 -23.46 -0.15
CA LEU B 179 9.47 -24.22 0.88
C LEU B 179 10.36 -25.02 1.84
N PRO B 180 11.41 -25.71 1.33
CA PRO B 180 12.31 -26.40 2.27
C PRO B 180 13.04 -25.43 3.21
N VAL B 181 13.25 -24.19 2.76
CA VAL B 181 13.89 -23.19 3.61
C VAL B 181 12.96 -22.78 4.76
N PHE B 182 11.70 -22.51 4.45
CA PHE B 182 10.70 -22.18 5.46
C PHE B 182 10.51 -23.33 6.44
N GLU B 183 10.50 -24.55 5.92
CA GLU B 183 10.38 -25.75 6.75
C GLU B 183 11.54 -25.88 7.73
N ALA B 184 12.77 -25.66 7.24
CA ALA B 184 13.94 -25.81 8.10
C ALA B 184 13.94 -24.77 9.21
N VAL B 185 13.64 -23.51 8.85
CA VAL B 185 13.58 -22.42 9.81
C VAL B 185 12.44 -22.61 10.82
N ALA B 186 11.27 -23.01 10.33
CA ALA B 186 10.11 -23.25 11.20
C ALA B 186 10.35 -24.43 12.15
N ASP B 187 10.94 -25.51 11.63
CA ASP B 187 11.30 -26.67 12.47
C ASP B 187 12.32 -26.31 13.55
N ALA B 188 13.20 -25.37 13.25
CA ALA B 188 14.21 -24.93 14.20
C ALA B 188 13.65 -23.90 15.19
N LYS B 189 12.34 -23.63 15.11
CA LYS B 189 11.67 -22.67 15.99
C LYS B 189 12.28 -21.28 15.89
N LEU B 190 12.69 -20.91 14.68
CA LEU B 190 13.22 -19.57 14.41
C LEU B 190 12.12 -18.70 13.83
N LEU B 191 11.81 -17.60 14.51
CA LEU B 191 10.86 -16.62 14.01
C LEU B 191 11.42 -15.99 12.73
N VAL B 192 10.58 -15.86 11.71
CA VAL B 192 11.02 -15.20 10.47
C VAL B 192 10.57 -13.74 10.47
N PHE B 193 11.55 -12.83 10.46
CA PHE B 193 11.28 -11.39 10.44
C PHE B 193 11.35 -10.91 8.99
N LEU B 194 10.18 -10.67 8.40
CA LEU B 194 10.09 -10.25 7.01
C LEU B 194 10.23 -8.75 6.91
N HIS B 195 11.22 -8.29 6.13
CA HIS B 195 11.55 -6.88 6.07
C HIS B 195 11.76 -6.44 4.63
N PRO B 196 11.25 -5.26 4.26
CA PRO B 196 11.36 -4.78 2.88
C PRO B 196 12.75 -4.23 2.54
N HIS B 197 12.98 -4.04 1.25
CA HIS B 197 14.18 -3.37 0.74
C HIS B 197 14.01 -2.89 -0.69
N TYR B 198 13.46 -3.75 -1.53
CA TYR B 198 13.41 -3.52 -2.97
C TYR B 198 12.35 -2.49 -3.35
N GLY B 199 11.41 -2.24 -2.43
CA GLY B 199 10.33 -1.30 -2.67
C GLY B 199 9.56 -1.64 -3.94
N LEU B 200 9.17 -0.63 -4.70
CA LEU B 200 8.48 -0.85 -5.97
C LEU B 200 9.36 -0.36 -7.11
N PRO B 201 9.10 -0.85 -8.34
CA PRO B 201 9.87 -0.34 -9.47
C PRO B 201 9.79 1.18 -9.53
N ASN B 202 10.93 1.84 -9.67
CA ASN B 202 11.03 3.29 -9.51
C ASN B 202 10.11 4.15 -10.37
N GLU B 203 9.64 3.60 -11.49
CA GLU B 203 8.75 4.36 -12.38
C GLU B 203 7.41 4.73 -11.75
N VAL B 204 6.96 3.96 -10.76
CA VAL B 204 5.67 4.25 -10.12
C VAL B 204 5.72 5.59 -9.38
N TYR B 205 6.90 6.02 -8.97
CA TYR B 205 7.05 7.28 -8.24
C TYR B 205 7.06 8.49 -9.16
N GLY B 206 7.18 8.26 -10.47
CA GLY B 206 7.06 9.32 -11.45
C GLY B 206 8.35 10.08 -11.73
N PRO B 207 8.30 11.01 -12.70
CA PRO B 207 9.51 11.72 -13.11
C PRO B 207 9.95 12.84 -12.17
N ARG B 208 9.17 13.11 -11.11
CA ARG B 208 9.55 14.12 -10.12
C ARG B 208 10.10 13.46 -8.86
N SER B 209 10.19 12.14 -8.89
CA SER B 209 10.70 11.33 -7.79
C SER B 209 11.84 11.98 -6.98
N GLU B 210 12.80 12.55 -7.68
CA GLU B 210 14.00 13.15 -7.06
C GLU B 210 13.71 14.29 -6.10
N GLU B 211 12.60 15.00 -6.32
CA GLU B 211 12.28 16.18 -5.54
C GLU B 211 11.75 15.84 -4.15
N TYR B 212 11.40 14.58 -3.93
CA TYR B 212 10.72 14.18 -2.69
C TYR B 212 11.64 13.44 -1.72
N GLY B 213 12.95 13.60 -1.89
CA GLY B 213 13.92 12.91 -1.05
C GLY B 213 13.65 11.42 -1.05
N HIS B 214 13.62 10.82 0.14
CA HIS B 214 13.41 9.37 0.25
C HIS B 214 11.98 8.99 0.63
N VAL B 215 11.08 9.97 0.66
CA VAL B 215 9.76 9.76 1.25
C VAL B 215 8.95 8.68 0.57
N LEU B 216 8.89 8.67 -0.76
CA LEU B 216 8.04 7.69 -1.45
C LEU B 216 8.55 6.25 -1.36
N PRO B 217 9.83 6.00 -1.68
CA PRO B 217 10.32 4.61 -1.52
C PRO B 217 10.17 4.07 -0.10
N LEU B 218 10.52 4.89 0.89
CA LEU B 218 10.47 4.47 2.29
C LEU B 218 9.07 4.46 2.90
N ALA B 219 8.28 5.49 2.65
CA ALA B 219 6.94 5.58 3.25
C ALA B 219 5.92 4.72 2.54
N LEU B 220 6.11 4.49 1.24
CA LEU B 220 5.14 3.72 0.44
C LEU B 220 5.73 2.43 -0.09
N GLY B 221 6.85 2.53 -0.83
CA GLY B 221 7.44 1.35 -1.46
C GLY B 221 7.67 0.20 -0.50
N PHE B 222 8.29 0.50 0.64
CA PHE B 222 8.60 -0.53 1.64
C PHE B 222 7.38 -1.29 2.17
N PRO B 223 6.42 -0.58 2.82
CA PRO B 223 5.28 -1.33 3.36
C PRO B 223 4.43 -2.01 2.28
N MET B 224 4.43 -1.46 1.08
CA MET B 224 3.69 -2.06 -0.03
C MET B 224 4.39 -3.33 -0.51
N GLU B 225 5.72 -3.27 -0.61
CA GLU B 225 6.53 -4.44 -0.95
C GLU B 225 6.25 -5.59 0.01
N THR B 226 6.29 -5.29 1.30
CA THR B 226 6.00 -6.28 2.34
C THR B 226 4.63 -6.90 2.12
N THR B 227 3.65 -6.06 1.83
CA THR B 227 2.28 -6.52 1.70
C THR B 227 2.12 -7.49 0.53
N ILE B 228 2.76 -7.17 -0.60
CA ILE B 228 2.69 -8.01 -1.79
C ILE B 228 3.39 -9.34 -1.54
N ALA B 229 4.52 -9.31 -0.84
CA ALA B 229 5.27 -10.53 -0.56
C ALA B 229 4.46 -11.52 0.28
N VAL B 230 3.81 -11.02 1.34
CA VAL B 230 3.04 -11.88 2.24
C VAL B 230 1.75 -12.36 1.59
N ALA B 231 1.14 -11.49 0.79
CA ALA B 231 -0.06 -11.86 0.05
C ALA B 231 0.27 -12.99 -0.92
N ARG B 232 1.43 -12.91 -1.57
CA ARG B 232 1.87 -13.96 -2.48
C ARG B 232 2.11 -15.27 -1.72
N MET B 233 2.76 -15.18 -0.55
CA MET B 233 2.95 -16.36 0.29
C MET B 233 1.61 -16.99 0.64
N TYR B 234 0.68 -16.14 1.06
CA TYR B 234 -0.65 -16.59 1.48
C TYR B 234 -1.39 -17.28 0.34
N MET B 235 -1.45 -16.61 -0.81
CA MET B 235 -2.12 -17.17 -1.99
C MET B 235 -1.52 -18.51 -2.45
N ALA B 236 -0.21 -18.69 -2.22
CA ALA B 236 0.47 -19.92 -2.66
C ALA B 236 0.30 -21.08 -1.68
N GLY B 237 -0.32 -20.82 -0.54
CA GLY B 237 -0.58 -21.86 0.44
C GLY B 237 0.59 -22.12 1.37
N VAL B 238 1.58 -21.24 1.34
CA VAL B 238 2.78 -21.42 2.18
C VAL B 238 2.42 -21.63 3.65
N PHE B 239 1.52 -20.80 4.19
CA PHE B 239 1.13 -20.88 5.60
C PHE B 239 0.40 -22.18 5.93
N ASP B 240 -0.36 -22.71 4.97
CA ASP B 240 -1.00 -24.02 5.12
C ASP B 240 0.00 -25.16 5.02
N HIS B 241 0.97 -25.04 4.13
CA HIS B 241 1.94 -26.11 3.89
C HIS B 241 3.01 -26.19 4.98
N VAL B 242 3.33 -25.04 5.59
CA VAL B 242 4.24 -25.01 6.74
C VAL B 242 3.49 -24.43 7.94
N ARG B 243 2.71 -25.28 8.61
CA ARG B 243 1.82 -24.81 9.68
C ARG B 243 2.53 -24.30 10.93
N ASN B 244 3.77 -24.73 11.14
CA ASN B 244 4.56 -24.26 12.29
C ASN B 244 5.39 -23.01 11.96
N LEU B 245 5.29 -22.52 10.72
CA LEU B 245 5.94 -21.26 10.34
C LEU B 245 5.32 -20.07 11.08
N GLN B 246 6.15 -19.25 11.71
CA GLN B 246 5.71 -18.02 12.35
C GLN B 246 6.47 -16.85 11.75
N MET B 247 5.77 -15.78 11.39
CA MET B 247 6.40 -14.62 10.76
C MET B 247 6.10 -13.31 11.48
N LEU B 248 7.14 -12.52 11.71
CA LEU B 248 7.00 -11.15 12.20
C LEU B 248 7.09 -10.24 10.99
N LEU B 249 6.08 -9.39 10.79
CA LEU B 249 6.09 -8.49 9.63
C LEU B 249 6.52 -7.08 10.01
N ALA B 250 7.49 -6.55 9.27
CA ALA B 250 7.96 -5.18 9.45
C ALA B 250 6.84 -4.17 9.25
N HIS B 251 6.89 -3.09 10.02
CA HIS B 251 6.02 -1.92 9.82
C HIS B 251 4.54 -2.28 9.93
N SER B 252 4.21 -3.01 10.98
CA SER B 252 2.84 -3.42 11.26
C SER B 252 2.18 -4.13 10.09
N GLY B 253 2.98 -4.88 9.31
CA GLY B 253 2.45 -5.66 8.21
C GLY B 253 2.39 -4.88 6.90
N GLY B 254 3.06 -3.73 6.87
CA GLY B 254 3.08 -2.90 5.67
C GLY B 254 1.77 -2.16 5.51
N THR B 255 0.81 -2.79 4.85
CA THR B 255 -0.55 -2.26 4.77
C THR B 255 -1.57 -3.37 5.00
N LEU B 256 -1.09 -4.57 5.34
CA LEU B 256 -1.95 -5.76 5.39
C LEU B 256 -3.20 -5.63 6.29
N PRO B 257 -3.07 -5.04 7.49
CA PRO B 257 -4.28 -4.93 8.32
C PRO B 257 -5.38 -4.07 7.67
N PHE B 258 -4.97 -3.06 6.91
CA PHE B 258 -5.92 -2.17 6.25
C PHE B 258 -6.56 -2.84 5.03
N LEU B 259 -5.82 -3.70 4.34
CA LEU B 259 -6.32 -4.35 3.12
C LEU B 259 -6.84 -5.78 3.30
N ALA B 260 -6.74 -6.32 4.52
CA ALA B 260 -7.15 -7.70 4.77
C ALA B 260 -8.59 -7.97 4.32
N GLY B 261 -9.49 -7.03 4.64
CA GLY B 261 -10.89 -7.14 4.24
C GLY B 261 -11.04 -7.17 2.73
N ARG B 262 -10.34 -6.26 2.05
CA ARG B 262 -10.38 -6.18 0.59
C ARG B 262 -9.82 -7.47 -0.04
N ILE B 263 -8.72 -7.98 0.50
CA ILE B 263 -8.15 -9.22 0.00
C ILE B 263 -9.15 -10.38 0.06
N GLU B 264 -9.78 -10.54 1.23
CA GLU B 264 -10.78 -11.57 1.43
C GLU B 264 -11.94 -11.44 0.45
N SER B 265 -12.44 -10.22 0.28
CA SER B 265 -13.54 -9.99 -0.63
C SER B 265 -13.13 -10.34 -2.07
N CYS B 266 -11.95 -9.91 -2.50
CA CYS B 266 -11.47 -10.21 -3.85
C CYS B 266 -11.31 -11.72 -4.08
N ILE B 267 -10.85 -12.45 -3.08
CA ILE B 267 -10.72 -13.91 -3.20
C ILE B 267 -12.08 -14.60 -3.39
N VAL B 268 -13.02 -14.33 -2.49
CA VAL B 268 -14.31 -15.03 -2.52
C VAL B 268 -15.17 -14.60 -3.71
N HIS B 269 -14.82 -13.49 -4.34
CA HIS B 269 -15.51 -13.04 -5.54
C HIS B 269 -14.71 -13.27 -6.82
N ASP B 270 -13.61 -13.99 -6.73
CA ASP B 270 -12.82 -14.25 -7.92
C ASP B 270 -13.42 -15.43 -8.68
N GLY B 271 -14.12 -15.14 -9.77
CA GLY B 271 -14.84 -16.15 -10.53
C GLY B 271 -13.97 -17.33 -10.92
N HIS B 272 -12.78 -17.05 -11.46
CA HIS B 272 -11.90 -18.14 -11.90
C HIS B 272 -11.46 -19.02 -10.73
N LEU B 273 -11.03 -18.40 -9.64
CA LEU B 273 -10.55 -19.17 -8.47
C LEU B 273 -11.66 -20.00 -7.84
N VAL B 274 -12.83 -19.41 -7.69
CA VAL B 274 -13.97 -20.10 -7.08
C VAL B 274 -14.41 -21.28 -7.93
N LYS B 275 -14.54 -21.05 -9.24
CA LYS B 275 -15.07 -22.08 -10.14
C LYS B 275 -14.08 -23.21 -10.41
N THR B 276 -12.79 -22.96 -10.17
CA THR B 276 -11.78 -24.01 -10.30
C THR B 276 -11.42 -24.63 -8.95
N GLY B 277 -12.28 -24.41 -7.94
CA GLY B 277 -12.14 -25.05 -6.65
C GLY B 277 -10.98 -24.58 -5.78
N LYS B 278 -10.46 -23.37 -6.03
CA LYS B 278 -9.35 -22.84 -5.23
C LYS B 278 -9.80 -22.06 -4.00
N VAL B 279 -11.12 -21.93 -3.82
CA VAL B 279 -11.67 -21.22 -2.67
C VAL B 279 -12.67 -22.12 -1.94
N PRO B 280 -12.18 -23.20 -1.30
CA PRO B 280 -13.10 -24.07 -0.57
C PRO B 280 -13.63 -23.35 0.67
N LYS B 281 -14.74 -23.84 1.21
CA LYS B 281 -15.43 -23.18 2.33
C LYS B 281 -14.60 -23.23 3.61
N ASP B 282 -13.78 -24.26 3.75
CA ASP B 282 -12.94 -24.43 4.94
C ASP B 282 -11.56 -23.76 4.81
N ARG B 283 -11.37 -22.95 3.78
CA ARG B 283 -10.12 -22.20 3.58
C ARG B 283 -9.76 -21.38 4.82
N ARG B 284 -8.49 -21.43 5.23
CA ARG B 284 -8.02 -20.55 6.30
C ARG B 284 -7.86 -19.14 5.78
N THR B 285 -8.68 -18.23 6.28
CA THR B 285 -8.68 -16.86 5.79
C THR B 285 -7.41 -16.13 6.21
N ILE B 286 -7.20 -14.95 5.64
CA ILE B 286 -6.07 -14.11 6.01
C ILE B 286 -6.23 -13.63 7.47
N TRP B 287 -7.47 -13.46 7.92
CA TRP B 287 -7.75 -13.06 9.31
C TRP B 287 -7.26 -14.17 10.26
N THR B 288 -7.50 -15.41 9.88
CA THR B 288 -7.05 -16.55 10.67
C THR B 288 -5.52 -16.62 10.70
N VAL B 289 -4.89 -16.47 9.53
CA VAL B 289 -3.43 -16.50 9.46
C VAL B 289 -2.85 -15.35 10.29
N LEU B 290 -3.51 -14.19 10.25
CA LEU B 290 -3.11 -13.03 11.05
C LEU B 290 -3.13 -13.28 12.56
N LYS B 291 -3.89 -14.27 12.99
CA LYS B 291 -4.00 -14.58 14.42
C LYS B 291 -3.18 -15.80 14.84
N GLU B 292 -2.68 -16.57 13.88
CA GLU B 292 -2.07 -17.86 14.18
C GLU B 292 -0.61 -17.99 13.77
N GLN B 293 -0.23 -17.31 12.71
CA GLN B 293 1.13 -17.46 12.18
C GLN B 293 1.82 -16.14 11.90
N ILE B 294 1.14 -15.03 12.15
CA ILE B 294 1.72 -13.72 11.88
C ILE B 294 1.81 -12.88 13.16
N TYR B 295 2.97 -12.27 13.38
CA TYR B 295 3.12 -11.22 14.37
C TYR B 295 3.39 -9.92 13.61
N LEU B 296 2.98 -8.79 14.20
CA LEU B 296 3.20 -7.48 13.58
C LEU B 296 4.06 -6.64 14.51
N ASP B 297 5.08 -5.96 13.97
CA ASP B 297 5.78 -4.98 14.82
C ASP B 297 4.88 -3.75 14.94
N ALA B 298 5.21 -2.86 15.87
CA ALA B 298 4.40 -1.66 16.09
C ALA B 298 5.05 -0.41 15.49
N VAL B 299 5.89 -0.60 14.46
CA VAL B 299 6.57 0.52 13.82
C VAL B 299 5.62 1.14 12.77
N ILE B 300 4.68 1.94 13.25
CA ILE B 300 3.59 2.44 12.40
C ILE B 300 3.36 3.96 12.57
N TYR B 301 3.96 4.53 13.60
CA TYR B 301 4.05 5.98 13.79
C TYR B 301 2.73 6.68 14.05
N SER B 302 1.68 5.92 14.35
CA SER B 302 0.37 6.49 14.65
C SER B 302 -0.55 5.47 15.30
N GLU B 303 -1.37 5.94 16.24
CA GLU B 303 -2.36 5.10 16.90
C GLU B 303 -3.45 4.65 15.93
N VAL B 304 -3.62 5.39 14.83
CA VAL B 304 -4.60 4.99 13.81
C VAL B 304 -4.19 3.65 13.22
N GLY B 305 -3.00 3.62 12.63
CA GLY B 305 -2.45 2.39 12.09
C GLY B 305 -2.28 1.33 13.15
N LEU B 306 -1.84 1.71 14.35
CA LEU B 306 -1.62 0.72 15.42
C LEU B 306 -2.91 0.06 15.86
N GLN B 307 -3.98 0.84 16.01
CA GLN B 307 -5.27 0.26 16.41
C GLN B 307 -5.74 -0.75 15.36
N ALA B 308 -5.54 -0.43 14.09
CA ALA B 308 -5.90 -1.36 13.02
C ALA B 308 -5.10 -2.65 13.09
N ALA B 309 -3.80 -2.54 13.35
CA ALA B 309 -2.95 -3.74 13.47
C ALA B 309 -3.41 -4.60 14.64
N ILE B 310 -3.72 -3.95 15.77
CA ILE B 310 -4.15 -4.65 16.97
C ILE B 310 -5.47 -5.38 16.75
N ALA B 311 -6.43 -4.72 16.10
CA ALA B 311 -7.70 -5.34 15.76
C ALA B 311 -7.52 -6.55 14.83
N SER B 312 -6.45 -6.54 14.04
CA SER B 312 -6.18 -7.60 13.07
C SER B 312 -5.53 -8.85 13.66
N SER B 313 -4.51 -8.66 14.49
CA SER B 313 -3.74 -9.78 15.02
C SER B 313 -3.92 -9.99 16.52
N GLY B 314 -4.47 -9.00 17.21
CA GLY B 314 -4.63 -9.06 18.66
C GLY B 314 -3.44 -8.40 19.35
N ALA B 315 -3.69 -7.85 20.53
CA ALA B 315 -2.64 -7.16 21.29
C ALA B 315 -1.51 -8.09 21.72
N ASP B 316 -1.77 -9.40 21.77
CA ASP B 316 -0.74 -10.36 22.16
C ASP B 316 0.25 -10.68 21.03
N ARG B 317 0.00 -10.14 19.83
CA ARG B 317 0.82 -10.42 18.66
C ARG B 317 1.45 -9.17 18.03
N LEU B 318 1.42 -8.07 18.78
CA LEU B 318 2.06 -6.81 18.39
C LEU B 318 3.35 -6.64 19.19
N MET B 319 4.42 -6.22 18.54
CA MET B 319 5.70 -6.06 19.22
C MET B 319 6.33 -4.71 18.92
N PHE B 320 6.66 -3.97 19.99
CA PHE B 320 7.32 -2.67 19.87
C PHE B 320 8.66 -2.76 19.13
N GLY B 321 8.95 -1.73 18.33
CA GLY B 321 10.27 -1.59 17.69
C GLY B 321 10.53 -0.13 17.38
N THR B 322 11.77 0.19 17.00
CA THR B 322 12.15 1.58 16.73
C THR B 322 12.69 1.85 15.33
N ASN B 323 13.19 0.82 14.66
CA ASN B 323 13.93 0.97 13.40
C ASN B 323 15.21 1.80 13.54
N HIS B 324 15.78 1.83 14.74
CA HIS B 324 17.11 2.39 14.92
C HIS B 324 18.04 1.65 13.96
N PRO B 325 18.99 2.38 13.34
CA PRO B 325 19.30 3.79 13.50
C PRO B 325 18.90 4.64 12.30
N PHE B 326 17.90 4.23 11.55
CA PHE B 326 17.63 4.82 10.23
C PHE B 326 17.05 6.23 10.21
N PHE B 327 16.33 6.62 11.24
CA PHE B 327 15.73 7.95 11.23
C PHE B 327 16.18 8.78 12.42
N PRO B 328 17.45 9.23 12.40
CA PRO B 328 17.91 10.08 13.48
C PRO B 328 17.20 11.44 13.45
N PRO B 329 17.08 12.10 14.62
CA PRO B 329 16.56 13.46 14.62
C PRO B 329 17.44 14.35 13.74
N ILE B 330 16.82 15.24 12.98
CA ILE B 330 17.57 16.10 12.06
C ILE B 330 18.02 17.38 12.74
N GLU B 331 17.09 18.02 13.47
CA GLU B 331 17.42 19.24 14.21
C GLU B 331 17.42 19.02 15.73
N GLU B 332 17.79 17.81 16.14
CA GLU B 332 17.92 17.47 17.56
C GLU B 332 19.15 16.60 17.83
N ASP B 333 19.46 16.44 19.11
CA ASP B 333 20.61 15.68 19.57
C ASP B 333 20.43 14.19 19.26
N VAL B 334 21.29 13.64 18.41
CA VAL B 334 21.21 12.21 18.08
C VAL B 334 21.66 11.34 19.26
N GLN B 335 22.32 11.97 20.23
CA GLN B 335 22.69 11.28 21.47
C GLN B 335 21.58 11.35 22.53
N GLY B 336 20.53 12.12 22.24
CA GLY B 336 19.36 12.17 23.12
C GLY B 336 18.28 11.18 22.70
N PRO B 337 17.09 11.29 23.29
CA PRO B 337 15.93 10.49 22.88
C PRO B 337 15.53 10.74 21.43
N TRP B 338 15.18 9.68 20.70
CA TRP B 338 14.79 9.77 19.29
C TRP B 338 13.29 9.85 19.14
N ASP B 339 12.81 10.89 18.46
CA ASP B 339 11.38 11.03 18.21
C ASP B 339 10.80 9.90 17.35
N SER B 340 11.60 9.36 16.44
CA SER B 340 11.16 8.22 15.62
C SER B 340 10.94 6.93 16.44
N SER B 341 11.30 6.99 17.72
CA SER B 341 11.04 5.91 18.67
C SER B 341 10.00 6.31 19.72
N ARG B 342 10.05 7.57 20.17
CA ARG B 342 9.06 8.12 21.08
C ARG B 342 7.65 8.13 20.47
N LEU B 343 7.57 8.37 19.17
CA LEU B 343 6.29 8.36 18.44
C LEU B 343 5.55 7.04 18.57
N ASN B 344 6.26 5.94 18.36
CA ASN B 344 5.67 4.61 18.45
C ASN B 344 5.27 4.24 19.87
N ALA B 345 6.12 4.60 20.84
CA ALA B 345 5.78 4.41 22.25
C ALA B 345 4.48 5.14 22.59
N GLN B 346 4.36 6.39 22.13
CA GLN B 346 3.15 7.18 22.35
C GLN B 346 1.94 6.57 21.65
N ALA B 347 2.14 6.10 20.42
CA ALA B 347 1.07 5.42 19.68
C ALA B 347 0.51 4.24 20.48
N VAL B 348 1.40 3.50 21.15
CA VAL B 348 0.98 2.41 22.02
C VAL B 348 0.12 2.92 23.17
N ILE B 349 0.56 3.99 23.82
CA ILE B 349 -0.20 4.59 24.92
C ILE B 349 -1.60 5.02 24.49
N LYS B 350 -1.66 5.78 23.39
CA LYS B 350 -2.94 6.28 22.89
C LYS B 350 -3.89 5.14 22.52
N ALA B 351 -3.35 4.09 21.88
CA ALA B 351 -4.16 2.97 21.42
C ALA B 351 -4.64 2.02 22.53
N VAL B 352 -3.82 1.77 23.55
CA VAL B 352 -4.19 0.77 24.57
C VAL B 352 -4.11 1.23 26.04
N GLY B 353 -3.63 2.44 26.27
CA GLY B 353 -3.61 3.00 27.62
C GLY B 353 -2.32 2.71 28.37
N GLU B 354 -1.70 3.78 28.86
CA GLU B 354 -0.48 3.67 29.67
C GLU B 354 -0.76 2.85 30.92
N GLY B 355 0.13 1.90 31.23
CA GLY B 355 0.01 1.09 32.43
C GLY B 355 -0.87 -0.14 32.29
N SER B 356 -1.56 -0.28 31.16
CA SER B 356 -2.39 -1.45 30.90
C SER B 356 -1.51 -2.65 30.61
N SER B 357 -2.05 -3.84 30.77
CA SER B 357 -1.30 -5.05 30.49
C SER B 357 -1.05 -5.19 28.98
N ASP B 358 -1.97 -4.66 28.17
CA ASP B 358 -1.81 -4.63 26.72
C ASP B 358 -0.59 -3.80 26.32
N ALA B 359 -0.40 -2.66 26.99
CA ALA B 359 0.80 -1.85 26.80
C ALA B 359 2.06 -2.66 27.15
N ALA B 360 2.02 -3.36 28.27
CA ALA B 360 3.14 -4.20 28.72
C ALA B 360 3.47 -5.29 27.69
N ALA B 361 2.44 -5.94 27.18
CA ALA B 361 2.60 -6.98 26.16
C ALA B 361 3.29 -6.42 24.91
N VAL B 362 2.71 -5.36 24.35
CA VAL B 362 3.23 -4.78 23.10
C VAL B 362 4.64 -4.21 23.31
N MET B 363 4.86 -3.50 24.42
CA MET B 363 6.14 -2.84 24.66
C MET B 363 7.29 -3.81 24.89
N GLY B 364 7.00 -5.08 25.17
CA GLY B 364 8.06 -6.06 25.34
C GLY B 364 7.71 -7.47 25.75
N LEU B 365 6.65 -7.64 26.54
CA LEU B 365 6.33 -8.96 27.09
C LEU B 365 5.97 -9.99 26.01
N ASN B 366 5.37 -9.55 24.91
CA ASN B 366 5.11 -10.46 23.78
C ASN B 366 6.41 -10.99 23.17
N ALA B 367 7.36 -10.08 22.94
CA ALA B 367 8.67 -10.47 22.41
C ALA B 367 9.38 -11.45 23.35
N VAL B 368 9.30 -11.17 24.66
CA VAL B 368 9.94 -12.03 25.65
C VAL B 368 9.36 -13.44 25.56
N ARG B 369 8.04 -13.51 25.44
CA ARG B 369 7.32 -14.78 25.42
C ARG B 369 7.61 -15.54 24.14
N VAL B 370 7.37 -14.88 23.01
CA VAL B 370 7.47 -15.52 21.70
C VAL B 370 8.91 -15.90 21.36
N LEU B 371 9.86 -15.04 21.74
CA LEU B 371 11.26 -15.27 21.38
C LEU B 371 12.07 -15.89 22.51
N SER B 372 11.42 -16.21 23.62
CA SER B 372 12.07 -16.83 24.77
C SER B 372 13.31 -16.04 25.19
N LEU B 373 13.10 -14.77 25.52
CA LEU B 373 14.17 -13.89 25.96
C LEU B 373 14.36 -14.00 27.48
N LYS B 374 15.59 -13.75 27.93
CA LYS B 374 15.90 -13.75 29.36
C LYS B 374 16.98 -12.73 29.69
#